data_3UDS
#
_entry.id   3UDS
#
_cell.length_a   58.289
_cell.length_b   59.877
_cell.length_c   82.913
_cell.angle_alpha   83.400
_cell.angle_beta   89.400
_cell.angle_gamma   65.300
#
_symmetry.space_group_name_H-M   'P 1'
#
loop_
_entity.id
_entity.type
_entity.pdbx_description
1 polymer 'Inositol-pentakisphosphate 2-kinase'
2 non-polymer "ADENOSINE-5'-DIPHOSPHATE"
3 non-polymer 'MAGNESIUM ION'
#
_entity_poly.entity_id   1
_entity_poly.type   'polypeptide(L)'
_entity_poly.pdbx_seq_one_letter_code
;MGSSHHHHHHSSGLVPRGSHMASMTGGQQMGRILMEMILEEKDASDWIYRGEGGANLVLAYAGSSPLFVGKVIRIQKARR
NDKAIKNSNGVVSVLTSDEQHLWRENNELISSPNKEVLEQRYVQNVIIPLLGPKHVDAGVRVSVSKEFLECVDKKVTKQR
PLWRVNAANVDTSHDSALILNDHSLFSQGITSGGDCISVEIKPKCGFLPTSRFIGKENILKTSVSRFKMHQLLKLEYIEI
SEESEYDPLDLFSGSKERVLEAIKALYSTPQNNFRVFLNGSLILGGSGESTGRTSPEIGYAFEDALKGFIQSEDGHRTEC
FLQLVSDAVYGSGVLDRLLEIQKLDKLDIEGAIHCYYDIINQPCPICKEGRPLEAELSLHALPLDESLKIVKEYLIAATA
KDCSIMISFQSRNAWDSEPSGDYVSLKPTNQTFDYKVHFIDLSLKPLKRMESYYKLDKKIISFYNRKQKAENTAEQIGNS
KPSHSDYKDDDDK
;
_entity_poly.pdbx_strand_id   A,B
#
loop_
_chem_comp.id
_chem_comp.type
_chem_comp.name
_chem_comp.formula
ADP non-polymer ADENOSINE-5'-DIPHOSPHATE 'C10 H15 N5 O10 P2'
MG non-polymer 'MAGNESIUM ION' 'Mg 2'
#
# COMPACT_ATOMS: atom_id res chain seq x y z
N GLU A 36 41.06 0.12 6.15
CA GLU A 36 42.19 0.57 5.34
C GLU A 36 42.61 -0.45 4.28
N MET A 37 42.64 -0.01 3.02
CA MET A 37 43.16 -0.82 1.93
C MET A 37 42.61 -0.41 0.57
N ILE A 38 41.34 -0.02 0.55
CA ILE A 38 40.65 0.34 -0.69
C ILE A 38 40.57 -0.80 -1.71
N LEU A 39 39.40 -0.94 -2.33
CA LEU A 39 39.17 -1.96 -3.34
C LEU A 39 38.94 -1.33 -4.72
N GLU A 40 39.50 -1.95 -5.76
CA GLU A 40 39.61 -1.33 -7.08
C GLU A 40 38.59 -1.81 -8.11
N TRP A 47 34.46 -12.13 -5.88
CA TRP A 47 33.14 -11.88 -5.29
C TRP A 47 31.94 -12.42 -6.10
N ILE A 48 31.22 -13.37 -5.51
CA ILE A 48 30.11 -14.08 -6.17
C ILE A 48 28.78 -13.90 -5.48
N TYR A 49 27.72 -13.71 -6.26
CA TYR A 49 26.39 -13.44 -5.71
C TYR A 49 25.95 -14.45 -4.65
N ARG A 50 25.32 -13.96 -3.58
CA ARG A 50 24.85 -14.83 -2.51
C ARG A 50 23.37 -14.66 -2.19
N GLY A 51 23.01 -13.50 -1.65
CA GLY A 51 21.64 -13.22 -1.25
C GLY A 51 21.31 -11.72 -1.20
N GLU A 52 20.06 -11.37 -0.90
CA GLU A 52 19.69 -9.94 -0.78
C GLU A 52 18.31 -9.65 -0.16
N GLY A 53 18.27 -8.85 0.90
CA GLY A 53 17.00 -8.43 1.48
C GLY A 53 16.56 -7.09 0.94
N GLY A 54 15.77 -6.35 1.71
CA GLY A 54 15.31 -5.05 1.27
C GLY A 54 16.28 -3.95 1.65
N ALA A 55 17.58 -4.22 1.52
CA ALA A 55 18.61 -3.23 1.91
C ALA A 55 19.95 -3.46 1.22
N ASN A 56 20.49 -4.65 1.41
CA ASN A 56 21.83 -4.95 0.97
C ASN A 56 21.91 -6.03 -0.08
N LEU A 57 23.00 -6.01 -0.85
CA LEU A 57 23.41 -7.15 -1.64
C LEU A 57 24.48 -7.83 -0.83
N VAL A 58 24.49 -9.15 -0.85
CA VAL A 58 25.53 -9.90 -0.17
C VAL A 58 26.21 -10.86 -1.14
N LEU A 59 27.54 -10.77 -1.20
CA LEU A 59 28.33 -11.54 -2.15
C LEU A 59 29.43 -12.32 -1.40
N ALA A 60 29.81 -13.48 -1.93
CA ALA A 60 30.78 -14.35 -1.27
C ALA A 60 32.18 -14.31 -1.89
N TYR A 61 33.20 -14.72 -1.14
CA TYR A 61 34.58 -14.60 -1.58
C TYR A 61 35.12 -15.85 -2.28
N ALA A 62 35.37 -15.72 -3.58
CA ALA A 62 35.85 -16.80 -4.43
C ALA A 62 37.34 -16.70 -4.73
N GLY A 63 38.10 -16.14 -3.79
CA GLY A 63 39.51 -15.87 -4.01
C GLY A 63 40.42 -16.52 -2.98
N SER A 64 41.72 -16.24 -3.11
CA SER A 64 42.73 -16.92 -2.29
C SER A 64 43.34 -16.07 -1.17
N SER A 65 42.83 -14.86 -0.96
CA SER A 65 43.36 -13.98 0.09
C SER A 65 42.80 -14.26 1.48
N PRO A 66 43.68 -14.32 2.50
CA PRO A 66 43.44 -14.70 3.90
C PRO A 66 42.58 -13.74 4.76
N LEU A 67 42.72 -12.42 4.59
CA LEU A 67 41.90 -11.50 5.35
C LEU A 67 40.47 -11.57 4.81
N PHE A 68 40.36 -12.03 3.58
CA PHE A 68 39.06 -12.08 2.92
C PHE A 68 38.45 -13.47 2.88
N VAL A 69 39.20 -14.49 3.28
CA VAL A 69 38.69 -15.85 3.18
C VAL A 69 37.84 -16.27 4.37
N GLY A 70 36.67 -16.83 4.10
CA GLY A 70 35.75 -17.21 5.15
C GLY A 70 34.92 -16.00 5.50
N LYS A 71 34.82 -15.09 4.53
CA LYS A 71 34.15 -13.81 4.69
C LYS A 71 33.08 -13.64 3.63
N VAL A 72 32.25 -12.62 3.83
CA VAL A 72 31.31 -12.15 2.83
C VAL A 72 31.24 -10.64 2.93
N ILE A 73 30.88 -9.99 1.83
CA ILE A 73 30.81 -8.54 1.77
C ILE A 73 29.37 -8.08 1.53
N ARG A 74 28.86 -7.25 2.43
CA ARG A 74 27.46 -6.81 2.39
C ARG A 74 27.39 -5.42 1.81
N ILE A 75 26.65 -5.26 0.72
CA ILE A 75 26.65 -4.00 -0.04
C ILE A 75 25.29 -3.33 -0.07
N GLN A 76 25.29 -2.00 0.02
CA GLN A 76 24.07 -1.20 0.15
C GLN A 76 23.38 -0.94 -1.19
N LYS A 77 22.06 -0.79 -1.14
CA LYS A 77 21.27 -0.53 -2.33
C LYS A 77 20.63 0.85 -2.23
N ALA A 78 19.81 1.20 -3.22
CA ALA A 78 19.04 2.45 -3.23
C ALA A 78 18.39 2.73 -4.58
N VAL A 94 24.25 11.59 9.04
CA VAL A 94 23.44 10.54 8.43
C VAL A 94 22.33 10.15 9.39
N LEU A 95 21.92 11.11 10.20
CA LEU A 95 20.78 10.93 11.07
C LEU A 95 19.97 12.21 11.08
N THR A 96 18.67 12.07 11.16
CA THR A 96 17.82 13.22 11.32
C THR A 96 18.07 13.80 12.72
N SER A 97 17.81 15.09 12.91
CA SER A 97 17.94 15.68 14.23
C SER A 97 17.25 14.78 15.23
N ASP A 98 16.14 14.19 14.81
CA ASP A 98 15.34 13.38 15.72
C ASP A 98 16.00 12.05 15.95
N GLU A 99 16.65 11.51 14.93
CA GLU A 99 17.35 10.26 15.17
C GLU A 99 18.51 10.53 16.13
N GLN A 100 19.28 11.58 15.87
CA GLN A 100 20.41 11.91 16.72
C GLN A 100 20.01 11.94 18.20
N HIS A 101 18.79 12.40 18.46
CA HIS A 101 18.35 12.58 19.84
C HIS A 101 17.78 11.30 20.44
N LEU A 102 17.22 10.46 19.58
CA LEU A 102 16.69 9.18 20.01
C LEU A 102 17.84 8.28 20.46
N TRP A 103 18.93 8.33 19.70
CA TRP A 103 20.07 7.48 19.91
C TRP A 103 21.22 8.20 20.62
N ARG A 104 20.92 9.34 21.23
CA ARG A 104 21.92 10.28 21.78
C ARG A 104 22.73 9.79 22.97
N GLU A 105 22.16 8.88 23.76
CA GLU A 105 22.89 8.16 24.81
C GLU A 105 24.04 7.31 24.28
N ASN A 106 24.34 7.43 23.00
CA ASN A 106 25.55 6.86 22.43
C ASN A 106 26.12 7.81 21.40
N ASN A 107 27.15 8.55 21.77
CA ASN A 107 27.61 9.65 20.93
C ASN A 107 28.32 9.17 19.68
N GLU A 108 29.11 8.12 19.84
CA GLU A 108 29.87 7.55 18.74
C GLU A 108 28.92 7.22 17.61
N LEU A 109 27.89 6.45 17.96
CA LEU A 109 26.83 6.08 17.04
C LEU A 109 26.16 7.31 16.38
N ILE A 110 25.64 8.22 17.18
CA ILE A 110 24.91 9.35 16.61
C ILE A 110 25.84 10.28 15.82
N SER A 111 27.14 10.10 16.00
CA SER A 111 28.11 10.94 15.32
C SER A 111 28.40 10.46 13.87
N SER A 112 28.05 9.21 13.59
CA SER A 112 28.44 8.51 12.34
C SER A 112 28.23 9.23 10.99
N PRO A 113 29.26 9.21 10.13
CA PRO A 113 29.20 9.87 8.81
C PRO A 113 28.39 9.10 7.76
N ASN A 114 28.26 7.78 7.93
CA ASN A 114 27.57 6.88 6.99
C ASN A 114 27.03 5.60 7.66
N LYS A 115 26.14 4.89 6.98
CA LYS A 115 25.48 3.71 7.57
C LYS A 115 26.44 2.62 8.04
N GLU A 116 27.48 2.33 7.26
CA GLU A 116 28.39 1.23 7.61
C GLU A 116 28.95 1.36 9.01
N VAL A 117 29.49 2.54 9.31
CA VAL A 117 29.92 2.84 10.67
C VAL A 117 28.72 2.76 11.59
N LEU A 118 27.57 3.15 11.05
CA LEU A 118 26.33 3.27 11.81
C LEU A 118 25.82 1.93 12.28
N GLU A 119 25.62 1.01 11.34
CA GLU A 119 25.07 -0.29 11.70
C GLU A 119 26.08 -0.89 12.67
N GLN A 120 27.34 -0.85 12.23
CA GLN A 120 28.47 -1.41 12.94
C GLN A 120 28.52 -0.99 14.40
N ARG A 121 28.24 0.30 14.63
CA ARG A 121 28.27 0.89 15.97
C ARG A 121 27.00 0.54 16.74
N TYR A 122 25.88 0.65 16.03
CA TYR A 122 24.56 0.25 16.52
C TYR A 122 24.59 -1.17 17.08
N VAL A 123 25.04 -2.10 16.25
CA VAL A 123 25.12 -3.50 16.60
C VAL A 123 26.05 -3.68 17.79
N GLN A 124 27.18 -3.00 17.73
CA GLN A 124 28.19 -3.19 18.75
C GLN A 124 27.79 -2.51 20.07
N ASN A 125 27.31 -1.27 19.99
CA ASN A 125 27.03 -0.51 21.20
C ASN A 125 25.58 -0.53 21.66
N VAL A 126 24.65 -0.78 20.73
CA VAL A 126 23.25 -0.90 21.15
C VAL A 126 22.79 -2.33 21.30
N ILE A 127 23.09 -3.15 20.30
CA ILE A 127 22.60 -4.53 20.31
C ILE A 127 23.43 -5.50 21.16
N ILE A 128 24.71 -5.63 20.85
CA ILE A 128 25.56 -6.59 21.57
C ILE A 128 25.41 -6.54 23.09
N PRO A 129 25.20 -5.34 23.64
CA PRO A 129 24.78 -5.25 25.05
C PRO A 129 23.62 -6.19 25.37
N LEU A 130 22.75 -6.41 24.39
CA LEU A 130 21.51 -7.14 24.60
C LEU A 130 21.58 -8.63 24.22
N LEU A 131 22.52 -9.01 23.37
CA LEU A 131 22.59 -10.39 22.88
C LEU A 131 23.92 -11.09 23.13
N GLY A 132 24.91 -10.37 23.63
CA GLY A 132 26.22 -10.96 23.83
C GLY A 132 26.94 -11.17 22.52
N PRO A 133 28.27 -11.16 22.57
CA PRO A 133 29.16 -11.11 21.41
C PRO A 133 29.28 -12.44 20.66
N LYS A 134 28.76 -13.48 21.30
CA LYS A 134 28.89 -14.86 20.85
C LYS A 134 28.22 -15.09 19.48
N HIS A 135 26.95 -14.71 19.37
CA HIS A 135 26.15 -15.02 18.22
C HIS A 135 26.10 -13.82 17.30
N VAL A 136 26.72 -12.76 17.78
CA VAL A 136 26.71 -11.51 17.04
C VAL A 136 28.12 -11.14 16.59
N ASP A 137 28.17 -10.30 15.58
CA ASP A 137 29.42 -9.83 15.02
C ASP A 137 29.15 -8.48 14.38
N ALA A 138 29.90 -7.49 14.81
CA ALA A 138 29.60 -6.11 14.45
C ALA A 138 29.83 -5.80 12.96
N GLY A 139 30.85 -6.44 12.37
CA GLY A 139 31.22 -6.15 10.99
C GLY A 139 32.50 -5.32 10.89
N VAL A 140 33.06 -5.24 9.70
CA VAL A 140 34.24 -4.40 9.46
C VAL A 140 34.04 -3.45 8.27
N ARG A 141 33.96 -2.15 8.56
CA ARG A 141 33.84 -1.19 7.48
C ARG A 141 35.05 -1.38 6.57
N VAL A 142 34.89 -1.10 5.28
CA VAL A 142 36.03 -1.23 4.36
C VAL A 142 35.86 -0.38 3.10
N SER A 143 36.96 0.24 2.67
CA SER A 143 36.93 1.25 1.61
C SER A 143 36.57 0.64 0.27
N VAL A 144 36.08 1.46 -0.66
CA VAL A 144 35.70 0.97 -1.98
C VAL A 144 35.77 2.08 -3.04
N SER A 145 36.13 1.71 -4.28
CA SER A 145 36.18 2.67 -5.38
C SER A 145 34.82 2.75 -6.07
N LYS A 146 34.29 3.96 -6.27
CA LYS A 146 32.98 4.09 -6.90
C LYS A 146 32.86 3.18 -8.12
N GLU A 147 33.96 3.09 -8.88
CA GLU A 147 34.01 2.26 -10.10
C GLU A 147 33.92 0.76 -9.82
N PHE A 148 34.53 0.36 -8.71
CA PHE A 148 34.33 -0.98 -8.14
C PHE A 148 32.84 -1.34 -8.15
N LEU A 149 32.01 -0.50 -7.50
CA LEU A 149 30.58 -0.75 -7.29
C LEU A 149 29.78 -0.90 -8.58
N GLU A 150 30.12 -0.09 -9.58
CA GLU A 150 29.48 -0.19 -10.88
C GLU A 150 29.82 -1.53 -11.51
N CYS A 151 31.11 -1.91 -11.46
CA CYS A 151 31.59 -3.21 -11.97
C CYS A 151 30.79 -4.39 -11.41
N VAL A 152 30.71 -4.42 -10.08
CA VAL A 152 29.89 -5.38 -9.39
C VAL A 152 28.43 -5.27 -9.84
N ASP A 153 27.90 -4.04 -9.85
CA ASP A 153 26.49 -3.83 -10.16
C ASP A 153 26.06 -4.39 -11.51
N LYS A 154 27.00 -5.02 -12.21
CA LYS A 154 26.64 -5.82 -13.36
C LYS A 154 26.95 -7.28 -13.10
N LYS A 155 28.09 -7.56 -12.47
CA LYS A 155 28.38 -8.93 -12.07
C LYS A 155 27.19 -9.52 -11.32
N VAL A 156 26.32 -8.65 -10.82
CA VAL A 156 25.07 -9.03 -10.19
C VAL A 156 24.05 -9.40 -11.27
N THR A 157 22.83 -8.89 -11.14
CA THR A 157 21.75 -9.21 -12.07
C THR A 157 21.48 -10.72 -12.06
N LYS A 158 20.85 -11.25 -13.11
CA LYS A 158 20.75 -12.70 -13.32
C LYS A 158 20.06 -13.50 -12.19
N GLN A 159 20.89 -14.01 -11.29
CA GLN A 159 20.41 -14.74 -10.13
C GLN A 159 19.43 -13.82 -9.43
N ARG A 160 19.80 -12.54 -9.43
CA ARG A 160 18.93 -11.44 -9.04
C ARG A 160 17.50 -11.65 -9.47
N PRO A 161 16.55 -11.54 -8.52
CA PRO A 161 15.12 -11.54 -8.82
C PRO A 161 14.70 -10.30 -9.61
N LEU A 162 13.41 -10.06 -9.76
CA LEU A 162 12.95 -9.02 -10.67
C LEU A 162 12.11 -7.92 -9.99
N TRP A 163 11.13 -8.32 -9.19
CA TRP A 163 10.33 -7.39 -8.41
C TRP A 163 11.27 -6.63 -7.44
N ARG A 164 12.40 -7.27 -7.13
CA ARG A 164 13.47 -6.74 -6.29
C ARG A 164 14.41 -5.79 -7.06
N VAL A 165 15.00 -6.27 -8.15
CA VAL A 165 15.85 -5.43 -8.99
C VAL A 165 15.11 -4.13 -9.28
N ASN A 166 13.82 -4.26 -9.55
CA ASN A 166 12.93 -3.11 -9.79
C ASN A 166 13.09 -1.99 -8.75
N ALA A 167 12.84 -2.33 -7.49
CA ALA A 167 12.86 -1.33 -6.41
C ALA A 167 14.25 -0.71 -6.12
N ALA A 168 15.32 -1.49 -6.28
CA ALA A 168 16.67 -1.04 -5.88
C ALA A 168 17.86 -1.63 -6.67
N ASN A 169 18.86 -0.78 -6.89
CA ASN A 169 20.13 -1.20 -7.47
C ASN A 169 21.20 -1.01 -6.40
N VAL A 170 22.47 -1.18 -6.74
CA VAL A 170 23.52 -0.91 -5.77
C VAL A 170 23.75 0.59 -5.68
N ASP A 171 23.93 1.05 -4.45
CA ASP A 171 24.27 2.44 -4.17
C ASP A 171 25.71 2.69 -4.55
N THR A 172 25.93 3.19 -5.76
CA THR A 172 27.26 3.51 -6.25
C THR A 172 27.86 4.70 -5.50
N SER A 173 27.08 5.28 -4.59
CA SER A 173 27.52 6.45 -3.85
C SER A 173 27.91 6.16 -2.40
N HIS A 174 28.45 4.98 -2.15
CA HIS A 174 29.21 4.75 -0.93
C HIS A 174 30.66 4.49 -1.36
N ASP A 175 31.60 4.81 -0.49
CA ASP A 175 32.95 4.32 -0.67
C ASP A 175 33.29 3.46 0.55
N SER A 176 32.25 3.00 1.22
CA SER A 176 32.39 2.15 2.39
C SER A 176 31.46 0.95 2.27
N ALA A 177 31.76 -0.08 3.05
CA ALA A 177 31.01 -1.33 2.97
C ALA A 177 31.44 -2.34 4.06
N LEU A 178 30.62 -3.34 4.27
CA LEU A 178 30.80 -4.22 5.40
C LEU A 178 31.26 -5.60 4.97
N ILE A 179 32.26 -6.09 5.71
CA ILE A 179 32.82 -7.42 5.55
C ILE A 179 32.39 -8.19 6.79
N LEU A 180 31.87 -9.39 6.58
CA LEU A 180 31.44 -10.20 7.71
C LEU A 180 31.87 -11.64 7.46
N ASN A 181 31.89 -12.44 8.53
CA ASN A 181 32.14 -13.86 8.38
C ASN A 181 31.04 -14.55 7.61
N ASP A 182 31.41 -15.59 6.87
CA ASP A 182 30.46 -16.26 6.00
C ASP A 182 29.86 -17.45 6.69
N HIS A 183 28.95 -17.23 7.62
CA HIS A 183 28.36 -18.30 8.41
C HIS A 183 27.88 -19.53 7.60
N SER A 184 27.93 -19.44 6.27
CA SER A 184 27.62 -20.61 5.45
C SER A 184 28.82 -21.55 5.38
N LEU A 185 29.92 -21.18 6.03
CA LEU A 185 31.14 -21.96 6.01
C LEU A 185 31.60 -22.28 7.44
N PHE A 186 32.83 -22.74 7.60
CA PHE A 186 33.32 -23.13 8.94
C PHE A 186 34.79 -22.80 9.19
N CYS A 196 29.62 -28.70 4.85
CA CYS A 196 28.91 -27.80 5.76
C CYS A 196 27.46 -27.57 5.34
N ILE A 197 26.52 -27.74 6.26
CA ILE A 197 25.11 -27.44 5.99
C ILE A 197 24.58 -26.26 6.81
N SER A 198 24.21 -25.19 6.13
CA SER A 198 23.73 -24.01 6.81
C SER A 198 22.23 -23.83 6.67
N VAL A 199 21.60 -23.43 7.78
CA VAL A 199 20.21 -23.04 7.76
C VAL A 199 20.08 -21.56 8.12
N GLU A 200 19.21 -20.85 7.44
CA GLU A 200 18.90 -19.48 7.79
C GLU A 200 17.41 -19.35 8.08
N ILE A 201 17.07 -19.02 9.32
CA ILE A 201 15.68 -18.76 9.67
C ILE A 201 15.40 -17.27 9.94
N LYS A 202 14.47 -16.72 9.19
CA LYS A 202 13.90 -15.45 9.52
C LYS A 202 12.64 -15.84 10.26
N PRO A 203 12.69 -15.82 11.60
CA PRO A 203 11.57 -16.29 12.45
C PRO A 203 10.42 -15.31 12.54
N LYS A 204 10.73 -14.03 12.41
CA LYS A 204 9.75 -12.97 12.62
C LYS A 204 9.30 -12.92 14.08
N CYS A 205 8.08 -12.49 14.34
CA CYS A 205 7.72 -12.18 15.72
C CYS A 205 7.07 -13.35 16.46
N GLY A 206 7.69 -13.75 17.57
CA GLY A 206 7.25 -14.92 18.32
C GLY A 206 6.42 -14.67 19.56
N PHE A 207 5.68 -13.55 19.59
CA PHE A 207 4.74 -13.30 20.69
C PHE A 207 3.47 -12.57 20.32
N LEU A 208 2.55 -12.49 21.26
CA LEU A 208 1.29 -11.78 21.10
C LEU A 208 1.25 -10.52 22.01
N PRO A 209 0.56 -9.45 21.57
CA PRO A 209 0.48 -8.23 22.39
C PRO A 209 -0.58 -8.30 23.53
N THR A 210 -0.63 -7.25 24.37
CA THR A 210 -1.62 -7.15 25.45
C THR A 210 -2.01 -5.69 25.65
N SER A 211 -1.01 -4.82 25.50
CA SER A 211 -1.17 -3.36 25.49
C SER A 211 -2.62 -2.81 25.50
N ARG A 212 -2.92 -1.99 26.50
CA ARG A 212 -4.25 -1.39 26.60
C ARG A 212 -4.50 -0.33 25.54
N PHE A 213 -3.60 -0.27 24.55
CA PHE A 213 -3.71 0.70 23.47
C PHE A 213 -4.14 0.07 22.16
N ILE A 214 -4.28 -1.25 22.15
CA ILE A 214 -4.93 -1.93 21.05
C ILE A 214 -6.42 -1.64 21.15
N GLY A 215 -6.98 -1.00 20.12
CA GLY A 215 -8.40 -0.72 20.08
C GLY A 215 -9.21 -1.91 20.54
N LYS A 216 -10.51 -1.71 20.79
CA LYS A 216 -11.37 -2.84 21.07
C LYS A 216 -11.69 -3.55 19.76
N GLU A 217 -11.98 -2.76 18.73
CA GLU A 217 -12.35 -3.31 17.42
C GLU A 217 -11.41 -4.44 17.00
N ASN A 218 -10.12 -4.27 17.27
CA ASN A 218 -9.12 -5.27 16.92
C ASN A 218 -8.71 -6.12 18.12
N ILE A 219 -9.57 -7.05 18.51
CA ILE A 219 -9.30 -7.91 19.65
C ILE A 219 -8.67 -9.24 19.19
N LEU A 220 -8.23 -9.27 17.94
CA LEU A 220 -7.60 -10.47 17.39
C LEU A 220 -6.08 -10.38 17.45
N LYS A 221 -5.58 -9.15 17.51
CA LYS A 221 -4.14 -8.92 17.57
C LYS A 221 -3.54 -9.64 18.78
N THR A 222 -4.40 -9.89 19.77
CA THR A 222 -4.00 -10.58 20.99
C THR A 222 -4.26 -12.08 20.95
N SER A 223 -4.96 -12.57 19.94
CA SER A 223 -5.24 -14.00 19.89
C SER A 223 -4.69 -14.63 18.62
N VAL A 224 -4.33 -13.81 17.64
CA VAL A 224 -3.76 -14.31 16.40
C VAL A 224 -2.50 -13.54 16.00
N SER A 225 -1.40 -14.27 15.79
CA SER A 225 -0.11 -13.64 15.49
C SER A 225 -0.04 -12.75 14.23
N ARG A 226 0.69 -11.64 14.35
CA ARG A 226 0.91 -10.75 13.23
C ARG A 226 1.28 -11.58 12.00
N PHE A 227 2.24 -12.49 12.16
CA PHE A 227 2.64 -13.36 11.06
C PHE A 227 1.47 -14.07 10.39
N LYS A 228 0.62 -14.71 11.18
CA LYS A 228 -0.49 -15.45 10.60
C LYS A 228 -1.47 -14.51 9.92
N MET A 229 -1.92 -13.48 10.62
CA MET A 229 -2.82 -12.50 10.02
C MET A 229 -2.21 -11.99 8.73
N HIS A 230 -0.89 -11.85 8.74
CA HIS A 230 -0.19 -11.26 7.63
C HIS A 230 -0.23 -12.10 6.37
N GLN A 231 0.08 -13.39 6.51
CA GLN A 231 0.00 -14.36 5.41
C GLN A 231 -1.26 -14.16 4.55
N LEU A 232 -2.41 -14.00 5.21
CA LEU A 232 -3.69 -13.74 4.55
C LEU A 232 -3.60 -12.58 3.58
N LEU A 233 -3.34 -11.40 4.14
CA LEU A 233 -3.16 -10.21 3.31
C LEU A 233 -2.09 -10.46 2.28
N LYS A 234 -0.96 -10.96 2.74
CA LYS A 234 0.14 -11.24 1.87
C LYS A 234 -0.48 -11.81 0.64
N LEU A 235 -1.27 -12.86 0.88
CA LEU A 235 -1.95 -13.63 -0.17
C LEU A 235 -2.80 -12.73 -1.04
N GLU A 236 -3.77 -12.04 -0.47
CA GLU A 236 -4.58 -11.12 -1.26
C GLU A 236 -3.71 -10.33 -2.24
N TYR A 237 -2.54 -9.90 -1.81
CA TYR A 237 -1.68 -9.12 -2.70
C TYR A 237 -0.76 -9.99 -3.55
N ILE A 238 -1.05 -11.27 -3.62
CA ILE A 238 -0.30 -12.19 -4.49
C ILE A 238 1.22 -12.16 -4.26
N GLU A 239 1.64 -11.91 -3.03
CA GLU A 239 3.06 -12.04 -2.72
C GLU A 239 3.39 -13.52 -2.59
N ILE A 240 2.56 -14.22 -1.82
CA ILE A 240 2.71 -15.65 -1.62
C ILE A 240 1.52 -16.35 -2.28
N SER A 241 1.76 -17.50 -2.88
CA SER A 241 0.69 -18.27 -3.53
C SER A 241 -0.06 -19.15 -2.53
N GLU A 242 0.58 -19.41 -1.39
CA GLU A 242 0.04 -20.34 -0.41
C GLU A 242 0.39 -19.95 1.02
N GLU A 243 -0.64 -19.78 1.83
CA GLU A 243 -0.46 -19.68 3.27
C GLU A 243 0.70 -20.51 3.81
N SER A 244 1.52 -19.94 4.69
CA SER A 244 2.63 -20.67 5.32
C SER A 244 2.13 -21.55 6.47
N GLU A 245 2.78 -22.69 6.68
CA GLU A 245 2.45 -23.57 7.79
C GLU A 245 3.01 -23.02 9.10
N TYR A 246 4.23 -22.49 8.99
CA TYR A 246 4.98 -21.95 10.12
C TYR A 246 4.19 -21.05 11.08
N ASP A 247 4.48 -21.21 12.36
CA ASP A 247 3.87 -20.45 13.43
C ASP A 247 5.03 -20.01 14.33
N PRO A 248 5.45 -18.74 14.20
CA PRO A 248 6.56 -18.20 14.99
C PRO A 248 6.38 -18.45 16.48
N LEU A 249 5.14 -18.67 16.91
CA LEU A 249 4.85 -19.06 18.29
C LEU A 249 5.43 -20.42 18.69
N ASP A 250 5.16 -21.48 17.93
CA ASP A 250 5.77 -22.79 18.21
C ASP A 250 7.25 -22.56 18.38
N LEU A 251 7.84 -21.79 17.46
CA LEU A 251 9.30 -21.62 17.43
C LEU A 251 9.83 -20.89 18.66
N PHE A 252 9.18 -19.81 19.04
CA PHE A 252 9.61 -19.08 20.23
C PHE A 252 8.97 -19.65 21.49
N SER A 253 8.32 -20.81 21.36
CA SER A 253 7.55 -21.39 22.46
C SER A 253 8.45 -21.97 23.53
N GLY A 254 9.75 -22.11 23.21
CA GLY A 254 10.75 -22.51 24.18
C GLY A 254 10.72 -23.98 24.59
N SER A 255 9.82 -24.73 23.96
CA SER A 255 9.71 -26.16 24.15
C SER A 255 10.23 -26.93 22.93
N LYS A 256 11.06 -27.95 23.20
CA LYS A 256 11.62 -28.85 22.19
C LYS A 256 10.57 -29.38 21.23
N GLU A 257 9.40 -29.77 21.75
CA GLU A 257 8.39 -30.39 20.89
C GLU A 257 7.80 -29.44 19.83
N ARG A 258 7.63 -28.18 20.23
CA ARG A 258 6.98 -27.19 19.38
C ARG A 258 7.96 -26.54 18.41
N VAL A 259 9.21 -26.51 18.85
CA VAL A 259 10.27 -26.04 18.00
C VAL A 259 10.24 -26.86 16.71
N LEU A 260 10.23 -28.18 16.85
CA LEU A 260 10.32 -29.08 15.70
C LEU A 260 9.09 -29.01 14.79
N GLU A 261 7.92 -29.02 15.40
CA GLU A 261 6.67 -28.73 14.71
C GLU A 261 6.97 -27.61 13.72
N ALA A 262 7.40 -26.46 14.26
CA ALA A 262 7.55 -25.22 13.48
C ALA A 262 8.67 -25.25 12.45
N ILE A 263 9.71 -26.03 12.69
CA ILE A 263 10.75 -26.13 11.67
C ILE A 263 10.41 -27.12 10.57
N LYS A 264 9.57 -28.10 10.88
CA LYS A 264 8.92 -28.87 9.83
C LYS A 264 8.03 -27.93 9.02
N ALA A 265 7.11 -27.25 9.70
CA ALA A 265 6.36 -26.17 9.07
C ALA A 265 7.20 -25.36 8.07
N LEU A 266 8.42 -25.05 8.47
CA LEU A 266 9.28 -24.18 7.68
C LEU A 266 9.76 -24.90 6.46
N TYR A 267 10.41 -26.05 6.66
CA TYR A 267 10.76 -26.94 5.56
C TYR A 267 9.58 -27.05 4.61
N SER A 268 8.47 -27.56 5.15
CA SER A 268 7.23 -27.69 4.40
C SER A 268 7.07 -26.55 3.38
N THR A 269 6.56 -25.41 3.85
CA THR A 269 6.47 -24.22 3.03
C THR A 269 7.53 -23.25 3.50
N PRO A 270 8.67 -23.18 2.80
CA PRO A 270 9.73 -22.29 3.31
C PRO A 270 9.41 -20.79 3.16
N GLN A 271 8.98 -20.37 1.97
CA GLN A 271 8.86 -18.94 1.65
C GLN A 271 10.22 -18.28 1.85
N ASN A 272 10.20 -17.06 2.35
CA ASN A 272 11.45 -16.34 2.60
C ASN A 272 11.96 -16.48 4.03
N ASN A 273 11.47 -17.49 4.74
CA ASN A 273 11.94 -17.76 6.10
C ASN A 273 13.01 -18.82 6.15
N PHE A 274 12.79 -19.89 5.41
CA PHE A 274 13.66 -21.07 5.45
C PHE A 274 14.52 -21.16 4.21
N ARG A 275 15.74 -21.62 4.42
CA ARG A 275 16.78 -21.62 3.40
C ARG A 275 17.84 -22.60 3.87
N VAL A 276 18.36 -23.43 2.96
CA VAL A 276 19.48 -24.29 3.32
C VAL A 276 20.66 -24.12 2.33
N PHE A 277 21.87 -24.23 2.87
CA PHE A 277 23.10 -23.94 2.14
C PHE A 277 24.15 -25.05 2.29
N LEU A 278 24.67 -25.51 1.16
CA LEU A 278 25.69 -26.57 1.11
C LEU A 278 27.00 -26.05 0.50
N ASN A 279 28.04 -25.99 1.33
CA ASN A 279 29.27 -25.28 0.98
C ASN A 279 28.93 -23.96 0.35
N GLY A 280 28.06 -23.20 1.02
CA GLY A 280 27.60 -21.94 0.48
C GLY A 280 26.62 -22.02 -0.68
N SER A 281 26.22 -23.22 -1.06
CA SER A 281 25.29 -23.34 -2.17
C SER A 281 23.85 -23.65 -1.75
N LEU A 282 22.96 -22.73 -2.10
CA LEU A 282 21.54 -22.87 -1.84
C LEU A 282 20.92 -24.17 -2.42
N ILE A 283 20.41 -25.02 -1.53
CA ILE A 283 19.75 -26.28 -1.93
C ILE A 283 18.29 -26.41 -1.46
N LEU A 284 17.86 -25.58 -0.51
CA LEU A 284 16.43 -25.42 -0.20
C LEU A 284 16.12 -23.95 0.10
N GLY A 285 15.01 -23.45 -0.44
CA GLY A 285 14.64 -22.06 -0.24
C GLY A 285 14.86 -21.16 -1.45
N GLY A 286 14.41 -19.90 -1.34
CA GLY A 286 14.27 -18.99 -2.48
C GLY A 286 15.47 -18.10 -2.77
N SER A 290 12.28 -15.93 -1.47
CA SER A 290 11.25 -16.85 -0.99
C SER A 290 10.86 -17.91 -2.02
N THR A 291 10.05 -18.88 -1.60
CA THR A 291 9.59 -19.96 -2.47
C THR A 291 8.15 -20.40 -2.20
N GLY A 292 7.60 -21.21 -3.10
CA GLY A 292 6.32 -21.87 -2.86
C GLY A 292 6.51 -23.21 -2.17
N ARG A 293 5.40 -23.88 -1.83
CA ARG A 293 5.47 -25.14 -1.06
C ARG A 293 6.40 -26.15 -1.67
N THR A 294 7.09 -26.88 -0.80
CA THR A 294 8.01 -27.94 -1.23
C THR A 294 7.29 -29.11 -1.97
N SER A 295 7.32 -29.06 -3.31
CA SER A 295 6.72 -30.13 -4.11
C SER A 295 7.56 -31.38 -3.90
N PRO A 296 6.89 -32.55 -3.84
CA PRO A 296 7.52 -33.76 -3.34
C PRO A 296 8.78 -34.11 -4.12
N GLU A 297 8.87 -33.71 -5.39
CA GLU A 297 10.06 -34.01 -6.15
C GLU A 297 11.27 -33.24 -5.59
N ILE A 298 11.06 -31.96 -5.29
CA ILE A 298 12.07 -31.16 -4.57
C ILE A 298 12.46 -31.93 -3.31
N GLY A 299 11.46 -32.54 -2.69
CA GLY A 299 11.72 -33.46 -1.59
C GLY A 299 12.83 -34.42 -1.93
N TYR A 300 12.61 -35.29 -2.92
CA TYR A 300 13.61 -36.29 -3.29
C TYR A 300 14.88 -35.57 -3.72
N ALA A 301 14.71 -34.47 -4.45
CA ALA A 301 15.82 -33.65 -4.89
C ALA A 301 16.68 -33.26 -3.69
N PHE A 302 16.03 -32.65 -2.70
CA PHE A 302 16.69 -32.12 -1.51
C PHE A 302 17.23 -33.25 -0.65
N GLU A 303 16.36 -34.23 -0.39
CA GLU A 303 16.74 -35.44 0.34
C GLU A 303 17.92 -36.10 -0.34
N ASP A 304 17.91 -36.05 -1.68
CA ASP A 304 19.03 -36.52 -2.49
C ASP A 304 20.28 -35.76 -2.08
N ALA A 305 20.33 -34.48 -2.40
CA ALA A 305 21.52 -33.67 -2.11
C ALA A 305 22.09 -33.89 -0.72
N LEU A 306 21.25 -34.39 0.19
CA LEU A 306 21.67 -34.67 1.58
C LEU A 306 22.58 -35.89 1.68
N LYS A 307 22.29 -36.90 0.86
CA LYS A 307 23.07 -38.12 0.77
C LYS A 307 24.56 -37.84 0.92
N GLY A 308 25.09 -38.19 2.07
CA GLY A 308 26.48 -37.99 2.34
C GLY A 308 26.64 -37.49 3.74
N PHE A 309 26.50 -36.18 3.89
CA PHE A 309 26.52 -35.50 5.19
C PHE A 309 25.84 -36.36 6.28
N ILE A 310 24.60 -36.77 6.03
CA ILE A 310 23.84 -37.56 6.99
C ILE A 310 23.70 -39.05 6.63
N GLN A 311 24.06 -39.89 7.59
CA GLN A 311 23.98 -41.34 7.42
C GLN A 311 22.59 -41.88 7.80
N SER A 312 21.77 -42.16 6.80
CA SER A 312 20.45 -42.76 7.02
C SER A 312 19.97 -43.50 5.75
N GLY A 315 14.69 -42.48 2.49
CA GLY A 315 14.15 -41.14 2.68
C GLY A 315 13.99 -40.79 4.15
N HIS A 316 15.09 -40.80 4.90
CA HIS A 316 15.07 -40.52 6.33
C HIS A 316 16.06 -39.44 6.67
N ARG A 317 16.97 -39.20 5.73
CA ARG A 317 17.95 -38.14 5.90
C ARG A 317 17.28 -36.78 6.16
N THR A 318 15.99 -36.71 5.88
CA THR A 318 15.25 -35.45 5.95
C THR A 318 14.31 -35.32 7.16
N GLU A 319 13.96 -36.44 7.80
CA GLU A 319 13.37 -36.37 9.13
C GLU A 319 14.51 -36.07 10.09
N CYS A 320 15.61 -36.80 9.90
CA CYS A 320 16.78 -36.71 10.76
C CYS A 320 17.39 -35.32 10.75
N PHE A 321 17.43 -34.72 9.57
CA PHE A 321 18.03 -33.40 9.42
C PHE A 321 17.25 -32.32 10.15
N LEU A 322 15.94 -32.31 9.92
CA LEU A 322 15.09 -31.39 10.64
C LEU A 322 15.30 -31.57 12.15
N GLN A 323 15.37 -32.82 12.60
CA GLN A 323 15.55 -33.12 14.01
C GLN A 323 16.87 -32.52 14.46
N LEU A 324 17.85 -32.57 13.58
CA LEU A 324 19.17 -32.03 13.87
C LEU A 324 19.15 -30.50 14.02
N VAL A 325 18.27 -29.86 13.27
CA VAL A 325 18.08 -28.43 13.37
C VAL A 325 17.28 -28.16 14.63
N SER A 326 16.10 -28.76 14.74
CA SER A 326 15.33 -28.67 15.96
C SER A 326 16.30 -28.62 17.14
N ASP A 327 17.19 -29.60 17.23
CA ASP A 327 18.09 -29.73 18.39
C ASP A 327 18.97 -28.49 18.63
N ALA A 328 19.73 -28.09 17.61
CA ALA A 328 20.62 -26.95 17.72
C ALA A 328 19.87 -25.65 18.02
N VAL A 329 18.75 -25.41 17.33
CA VAL A 329 17.97 -24.23 17.65
C VAL A 329 17.58 -24.27 19.14
N TYR A 330 16.79 -25.28 19.53
CA TYR A 330 16.36 -25.33 20.91
C TYR A 330 17.52 -25.33 21.88
N GLY A 331 18.51 -26.17 21.61
CA GLY A 331 19.65 -26.31 22.49
C GLY A 331 20.37 -25.00 22.81
N SER A 332 20.73 -24.26 21.78
CA SER A 332 21.53 -23.06 21.99
C SER A 332 20.70 -22.01 22.71
N GLY A 333 19.39 -22.24 22.76
CA GLY A 333 18.47 -21.29 23.38
C GLY A 333 18.66 -19.87 22.89
N VAL A 334 18.98 -19.74 21.62
CA VAL A 334 19.29 -18.44 21.06
C VAL A 334 17.98 -17.72 20.77
N LEU A 335 16.90 -18.50 20.69
CA LEU A 335 15.61 -17.96 20.35
C LEU A 335 15.02 -17.20 21.53
N ASP A 336 15.48 -17.53 22.73
CA ASP A 336 14.95 -16.88 23.91
C ASP A 336 15.59 -15.50 24.09
N ARG A 337 16.92 -15.49 24.13
CA ARG A 337 17.70 -14.26 24.12
C ARG A 337 17.37 -13.52 22.85
N LEU A 338 16.10 -13.42 22.50
CA LEU A 338 15.74 -12.75 21.27
C LEU A 338 14.34 -12.27 21.43
N LEU A 339 13.46 -13.21 21.74
CA LEU A 339 12.10 -12.88 22.10
C LEU A 339 12.09 -11.79 23.19
N GLU A 340 13.14 -11.72 24.01
CA GLU A 340 13.20 -10.69 25.04
C GLU A 340 13.34 -9.30 24.45
N ILE A 341 14.09 -9.21 23.35
CA ILE A 341 14.38 -7.95 22.71
C ILE A 341 13.17 -7.54 21.86
N GLN A 342 12.64 -8.53 21.15
CA GLN A 342 11.36 -8.42 20.45
C GLN A 342 10.26 -7.92 21.41
N LYS A 343 10.39 -8.24 22.70
CA LYS A 343 9.37 -7.89 23.68
C LYS A 343 9.54 -6.49 24.25
N LEU A 344 10.58 -5.83 23.76
CA LEU A 344 10.79 -4.43 24.00
C LEU A 344 9.65 -3.61 23.36
N ASP A 345 8.92 -4.20 22.42
CA ASP A 345 7.70 -3.56 21.92
C ASP A 345 6.62 -3.71 22.97
N LYS A 346 6.76 -2.95 24.05
CA LYS A 346 5.88 -3.11 25.20
C LYS A 346 4.46 -2.61 24.98
N LEU A 347 4.27 -1.74 23.98
CA LEU A 347 2.95 -1.14 23.73
C LEU A 347 2.29 -1.43 22.36
N ASP A 348 3.03 -2.01 21.42
CA ASP A 348 2.48 -2.28 20.09
C ASP A 348 2.31 -0.97 19.31
N ILE A 349 2.32 -1.03 17.98
CA ILE A 349 2.37 0.19 17.21
C ILE A 349 1.15 1.03 17.46
N GLU A 350 0.01 0.39 17.60
CA GLU A 350 -1.20 1.12 17.95
C GLU A 350 -0.96 2.05 19.13
N GLY A 351 -0.14 1.59 20.08
CA GLY A 351 0.28 2.42 21.21
C GLY A 351 1.43 3.37 20.88
N ALA A 352 2.57 2.81 20.50
CA ALA A 352 3.84 3.54 20.27
C ALA A 352 3.78 4.67 19.21
N ILE A 353 2.77 4.63 18.35
CA ILE A 353 2.66 5.64 17.32
C ILE A 353 2.42 7.02 17.94
N HIS A 354 1.69 7.09 19.06
CA HIS A 354 1.33 8.38 19.66
C HIS A 354 2.59 9.10 20.13
N CYS A 355 3.50 8.32 20.70
CA CYS A 355 4.78 8.84 21.15
C CYS A 355 5.60 9.41 20.01
N TYR A 356 5.69 8.67 18.91
CA TYR A 356 6.40 9.11 17.72
C TYR A 356 6.07 10.52 17.25
N TYR A 357 4.79 10.86 17.22
CA TYR A 357 4.36 12.19 16.81
C TYR A 357 4.78 13.25 17.80
N ASP A 358 4.60 12.97 19.08
CA ASP A 358 5.07 13.92 20.07
C ASP A 358 6.56 14.10 19.90
N ILE A 359 7.27 12.99 19.87
CA ILE A 359 8.72 12.96 19.61
C ILE A 359 9.17 13.90 18.49
N ILE A 360 8.46 13.87 17.37
CA ILE A 360 8.85 14.64 16.19
C ILE A 360 8.22 16.02 16.19
N ASN A 361 7.25 16.23 17.08
CA ASN A 361 6.57 17.52 17.20
C ASN A 361 5.36 17.75 16.29
N GLN A 362 4.38 16.87 16.37
CA GLN A 362 3.17 16.96 15.56
C GLN A 362 2.07 16.18 16.27
N PRO A 363 0.83 16.22 15.76
CA PRO A 363 -0.29 15.69 16.57
C PRO A 363 -0.85 14.29 16.20
N CYS A 364 -0.98 13.37 17.18
CA CYS A 364 -1.29 11.93 16.93
C CYS A 364 -2.63 11.77 16.22
N PRO A 365 -2.60 11.86 14.87
CA PRO A 365 -3.80 11.83 14.05
C PRO A 365 -4.35 10.41 14.00
N ILE A 366 -4.59 9.84 15.18
CA ILE A 366 -5.00 8.44 15.29
C ILE A 366 -6.41 8.30 15.88
N ALA A 381 1.15 13.60 27.19
CA ALA A 381 0.98 13.50 28.64
C ALA A 381 2.25 13.02 29.36
N LEU A 382 2.87 11.94 28.88
CA LEU A 382 4.14 11.48 29.46
C LEU A 382 5.24 12.45 29.10
N PRO A 383 6.27 12.54 29.96
CA PRO A 383 7.44 13.38 29.68
C PRO A 383 8.13 13.00 28.37
N LEU A 384 8.79 13.98 27.76
CA LEU A 384 9.54 13.80 26.52
C LEU A 384 10.43 12.56 26.57
N ASP A 385 11.15 12.39 27.68
CA ASP A 385 12.09 11.28 27.81
C ASP A 385 11.45 9.89 27.75
N GLU A 386 10.35 9.69 28.48
CA GLU A 386 9.62 8.40 28.49
C GLU A 386 9.11 8.05 27.08
N SER A 387 8.59 9.06 26.37
CA SER A 387 8.15 8.91 24.98
C SER A 387 9.30 8.43 24.12
N LEU A 388 10.44 9.08 24.28
CA LEU A 388 11.62 8.70 23.55
C LEU A 388 12.06 7.30 23.89
N LYS A 389 12.13 6.99 25.18
CA LYS A 389 12.53 5.65 25.59
C LYS A 389 11.66 4.68 24.85
N ILE A 390 10.37 5.03 24.74
CA ILE A 390 9.36 4.14 24.17
C ILE A 390 9.52 3.89 22.68
N VAL A 391 9.61 4.97 21.93
CA VAL A 391 9.79 4.83 20.51
C VAL A 391 11.10 4.12 20.26
N LYS A 392 12.13 4.52 20.99
CA LYS A 392 13.43 3.86 20.88
C LYS A 392 13.29 2.34 21.06
N GLU A 393 12.77 1.92 22.20
CA GLU A 393 12.66 0.49 22.50
C GLU A 393 11.85 -0.24 21.44
N TYR A 394 10.79 0.40 20.98
CA TYR A 394 10.05 -0.13 19.85
C TYR A 394 10.98 -0.47 18.67
N LEU A 395 11.77 0.50 18.22
CA LEU A 395 12.72 0.28 17.12
C LEU A 395 13.76 -0.82 17.36
N ILE A 396 14.09 -1.09 18.61
CA ILE A 396 15.03 -2.16 18.89
C ILE A 396 14.33 -3.51 18.79
N ALA A 397 13.13 -3.60 19.34
CA ALA A 397 12.32 -4.79 19.13
C ALA A 397 12.16 -4.94 17.62
N ALA A 398 11.96 -3.81 16.96
CA ALA A 398 11.78 -3.77 15.52
C ALA A 398 12.97 -4.35 14.76
N THR A 399 14.16 -4.08 15.26
CA THR A 399 15.37 -4.68 14.73
C THR A 399 15.29 -6.18 14.96
N ALA A 400 15.01 -6.58 16.19
CA ALA A 400 14.96 -7.99 16.55
C ALA A 400 13.82 -8.78 15.86
N LYS A 401 12.72 -8.12 15.52
CA LYS A 401 11.62 -8.78 14.80
C LYS A 401 11.89 -9.04 13.31
N ASP A 402 12.93 -8.41 12.75
CA ASP A 402 13.20 -8.48 11.33
C ASP A 402 14.59 -9.05 11.07
N CYS A 403 15.26 -9.54 12.11
CA CYS A 403 16.54 -10.22 11.93
C CYS A 403 16.34 -11.66 11.41
N SER A 404 17.46 -12.34 11.13
CA SER A 404 17.50 -13.76 10.72
C SER A 404 18.58 -14.49 11.46
N ILE A 405 18.39 -15.80 11.60
CA ILE A 405 19.34 -16.71 12.27
C ILE A 405 20.13 -17.57 11.30
N MET A 406 21.40 -17.82 11.57
CA MET A 406 22.17 -18.83 10.80
C MET A 406 22.74 -19.97 11.65
N ILE A 407 22.39 -21.21 11.32
CA ILE A 407 22.96 -22.38 12.00
C ILE A 407 23.81 -23.24 11.08
N SER A 408 25.07 -23.44 11.45
CA SER A 408 25.97 -24.22 10.62
C SER A 408 26.26 -25.58 11.24
N PHE A 409 26.50 -26.58 10.39
CA PHE A 409 26.75 -27.93 10.87
C PHE A 409 27.99 -28.57 10.27
N GLN A 410 28.68 -29.36 11.10
CA GLN A 410 29.85 -30.14 10.66
C GLN A 410 30.05 -31.40 11.52
N SER A 411 31.15 -32.11 11.27
CA SER A 411 31.48 -33.34 12.00
C SER A 411 32.96 -33.41 12.38
N GLN A 431 26.18 -40.31 15.34
CA GLN A 431 26.54 -39.05 14.69
C GLN A 431 26.65 -37.83 15.62
N THR A 432 27.78 -37.13 15.54
CA THR A 432 28.00 -35.93 16.32
C THR A 432 28.27 -34.78 15.38
N PHE A 433 27.64 -33.65 15.66
CA PHE A 433 27.82 -32.46 14.83
C PHE A 433 28.31 -31.24 15.62
N ASP A 434 29.00 -30.37 14.92
CA ASP A 434 29.29 -29.06 15.48
C ASP A 434 28.17 -28.12 15.05
N TYR A 435 28.17 -26.90 15.56
CA TYR A 435 27.28 -25.86 15.07
C TYR A 435 27.51 -24.50 15.69
N LYS A 436 27.48 -23.51 14.82
CA LYS A 436 27.50 -22.11 15.22
C LYS A 436 26.14 -21.54 14.85
N VAL A 437 25.48 -20.88 15.79
CA VAL A 437 24.33 -20.03 15.46
C VAL A 437 24.77 -18.59 15.43
N HIS A 438 24.35 -17.86 14.40
CA HIS A 438 24.62 -16.44 14.36
C HIS A 438 23.42 -15.67 13.92
N PHE A 439 23.29 -14.47 14.45
CA PHE A 439 22.28 -13.56 13.96
C PHE A 439 22.84 -12.79 12.75
N ILE A 440 21.99 -12.55 11.77
CA ILE A 440 22.36 -11.67 10.69
C ILE A 440 21.29 -10.57 10.52
N ASP A 441 21.58 -9.54 9.75
CA ASP A 441 20.57 -8.53 9.45
C ASP A 441 20.07 -7.81 10.72
N LEU A 442 20.98 -7.23 11.50
CA LEU A 442 20.60 -6.54 12.74
C LEU A 442 20.68 -5.02 12.55
N SER A 443 19.79 -4.47 11.73
CA SER A 443 19.92 -3.09 11.32
C SER A 443 19.09 -2.15 12.17
N LEU A 444 19.64 -0.95 12.42
CA LEU A 444 18.89 0.12 13.03
C LEU A 444 17.80 0.61 12.08
N LYS A 445 16.56 0.70 12.56
CA LYS A 445 15.43 1.07 11.71
C LYS A 445 15.21 2.58 11.65
N PRO A 446 14.91 3.09 10.45
CA PRO A 446 14.69 4.53 10.34
C PRO A 446 13.48 4.96 11.15
N LEU A 447 13.60 6.11 11.79
CA LEU A 447 12.56 6.60 12.68
C LEU A 447 11.26 6.91 11.93
N LYS A 448 11.36 7.27 10.66
CA LYS A 448 10.21 7.48 9.80
C LYS A 448 9.36 6.20 9.64
N ARG A 449 9.99 5.03 9.73
CA ARG A 449 9.27 3.77 9.60
C ARG A 449 8.08 3.68 10.54
N MET A 450 8.07 4.55 11.55
CA MET A 450 7.01 4.53 12.54
C MET A 450 5.67 4.75 11.86
N GLU A 451 5.64 5.66 10.90
CA GLU A 451 4.40 5.94 10.18
C GLU A 451 3.99 4.76 9.29
N SER A 452 4.99 4.02 8.81
CA SER A 452 4.78 2.91 7.91
C SER A 452 4.40 1.69 8.71
N TYR A 453 5.17 1.43 9.75
CA TYR A 453 4.81 0.39 10.69
C TYR A 453 3.34 0.46 10.99
N TYR A 454 2.89 1.61 11.50
CA TYR A 454 1.49 1.81 11.84
C TYR A 454 0.52 1.66 10.66
N LYS A 455 0.91 2.23 9.52
CA LYS A 455 0.17 2.12 8.25
C LYS A 455 -0.18 0.65 7.96
N LEU A 456 0.84 -0.18 7.90
CA LEU A 456 0.67 -1.58 7.58
C LEU A 456 -0.13 -2.31 8.67
N ASP A 457 0.12 -1.97 9.92
CA ASP A 457 -0.58 -2.67 10.98
C ASP A 457 -2.06 -2.41 10.79
N LYS A 458 -2.40 -1.13 10.71
CA LYS A 458 -3.77 -0.71 10.43
C LYS A 458 -4.41 -1.55 9.33
N LYS A 459 -3.70 -1.64 8.21
CA LYS A 459 -4.17 -2.39 7.05
C LYS A 459 -4.35 -3.89 7.33
N ILE A 460 -3.36 -4.51 7.96
CA ILE A 460 -3.42 -5.93 8.27
C ILE A 460 -4.58 -6.30 9.20
N ILE A 461 -4.69 -5.59 10.32
CA ILE A 461 -5.74 -5.92 11.28
C ILE A 461 -7.12 -5.65 10.69
N SER A 462 -7.19 -4.66 9.82
CA SER A 462 -8.44 -4.25 9.19
C SER A 462 -8.92 -5.27 8.15
N PHE A 463 -7.98 -5.93 7.50
CA PHE A 463 -8.29 -6.88 6.45
C PHE A 463 -8.71 -8.21 7.06
N TYR A 464 -8.00 -8.60 8.11
CA TYR A 464 -8.26 -9.85 8.81
C TYR A 464 -9.57 -9.75 9.56
N ASN A 465 -9.89 -8.53 9.99
CA ASN A 465 -11.14 -8.26 10.67
C ASN A 465 -12.31 -8.41 9.72
N ARG A 466 -12.12 -7.91 8.49
CA ARG A 466 -13.07 -8.12 7.40
C ARG A 466 -13.32 -9.61 7.22
N LYS A 467 -12.31 -10.34 6.74
CA LYS A 467 -12.35 -11.79 6.56
C LYS A 467 -13.36 -12.55 7.44
N GLN A 468 -13.64 -12.02 8.62
CA GLN A 468 -14.71 -12.57 9.45
C GLN A 468 -16.10 -12.01 9.10
N TRP B 47 -38.79 20.69 -14.48
CA TRP B 47 -37.34 20.48 -14.53
C TRP B 47 -36.60 21.63 -15.25
N ILE B 48 -35.36 21.89 -14.81
CA ILE B 48 -34.49 22.90 -15.43
C ILE B 48 -33.07 22.38 -15.48
N TYR B 49 -32.25 22.94 -16.37
CA TYR B 49 -30.87 22.48 -16.49
C TYR B 49 -30.17 22.47 -15.13
N ARG B 50 -29.13 21.66 -15.01
CA ARG B 50 -28.42 21.55 -13.74
C ARG B 50 -27.00 21.00 -13.90
N GLY B 51 -26.76 20.14 -14.88
CA GLY B 51 -25.42 19.63 -15.03
C GLY B 51 -25.21 18.47 -15.99
N GLU B 52 -23.98 18.37 -16.48
CA GLU B 52 -23.56 17.29 -17.36
C GLU B 52 -22.23 16.75 -16.85
N GLY B 53 -21.86 15.57 -17.31
CA GLY B 53 -20.62 14.96 -16.88
C GLY B 53 -20.14 13.97 -17.93
N GLY B 54 -19.38 12.97 -17.48
CA GLY B 54 -18.79 11.97 -18.36
C GLY B 54 -19.76 11.29 -19.32
N ALA B 55 -21.05 11.55 -19.18
CA ALA B 55 -22.09 10.97 -20.04
C ALA B 55 -23.47 10.96 -19.38
N ASN B 56 -23.90 12.09 -18.83
CA ASN B 56 -25.24 12.18 -18.23
C ASN B 56 -25.77 13.60 -18.11
N LEU B 57 -27.09 13.71 -18.06
CA LEU B 57 -27.73 15.01 -17.89
C LEU B 57 -28.42 15.05 -16.53
N VAL B 58 -28.08 16.05 -15.72
CA VAL B 58 -28.71 16.22 -14.42
C VAL B 58 -29.59 17.47 -14.42
N LEU B 59 -30.85 17.28 -14.05
CA LEU B 59 -31.85 18.35 -14.03
C LEU B 59 -32.45 18.50 -12.64
N ALA B 60 -32.98 19.69 -12.34
CA ALA B 60 -33.67 19.92 -11.07
C ALA B 60 -35.16 20.19 -11.26
N TYR B 61 -35.93 20.15 -10.17
CA TYR B 61 -37.39 20.28 -10.24
C TYR B 61 -37.87 21.68 -9.91
N ALA B 62 -38.96 22.10 -10.56
CA ALA B 62 -39.58 23.39 -10.26
C ALA B 62 -41.09 23.26 -10.10
N GLY B 63 -41.68 22.24 -10.72
CA GLY B 63 -43.11 22.06 -10.79
C GLY B 63 -43.86 21.88 -9.47
N SER B 64 -45.07 21.33 -9.56
CA SER B 64 -45.97 21.21 -8.41
C SER B 64 -45.67 19.98 -7.54
N SER B 65 -45.84 18.80 -8.12
CA SER B 65 -45.73 17.52 -7.42
C SER B 65 -44.74 17.50 -6.25
N PRO B 66 -45.08 16.77 -5.16
CA PRO B 66 -44.33 16.69 -3.90
C PRO B 66 -43.29 15.56 -3.83
N LEU B 67 -43.48 14.50 -4.61
CA LEU B 67 -42.52 13.39 -4.68
C LEU B 67 -41.35 13.75 -5.60
N PHE B 68 -41.44 14.92 -6.22
CA PHE B 68 -40.38 15.45 -7.06
C PHE B 68 -39.64 16.57 -6.34
N VAL B 69 -40.27 17.13 -5.31
CA VAL B 69 -39.56 18.10 -4.48
C VAL B 69 -38.41 17.40 -3.76
N GLY B 70 -37.25 18.04 -3.76
CA GLY B 70 -36.04 17.47 -3.20
C GLY B 70 -35.22 16.69 -4.22
N LYS B 71 -35.81 16.37 -5.38
CA LYS B 71 -35.14 15.48 -6.31
C LYS B 71 -34.44 16.17 -7.48
N VAL B 72 -33.61 15.39 -8.17
CA VAL B 72 -33.05 15.74 -9.48
C VAL B 72 -33.45 14.61 -10.41
N ILE B 73 -33.05 14.72 -11.68
CA ILE B 73 -33.24 13.62 -12.61
C ILE B 73 -32.04 13.48 -13.54
N ARG B 74 -31.47 12.28 -13.56
CA ARG B 74 -30.34 11.98 -14.44
C ARG B 74 -30.90 11.44 -15.74
N ILE B 75 -30.17 11.64 -16.84
CA ILE B 75 -30.56 11.07 -18.14
C ILE B 75 -29.38 10.45 -18.90
N GLN B 76 -29.51 9.16 -19.26
CA GLN B 76 -28.44 8.46 -19.97
C GLN B 76 -28.10 9.10 -21.32
N LYS B 77 -26.90 8.80 -21.81
CA LYS B 77 -26.45 9.26 -23.12
C LYS B 77 -25.67 8.15 -23.84
N VAL B 94 -26.92 -5.70 -22.79
CA VAL B 94 -26.67 -4.90 -21.58
C VAL B 94 -25.31 -5.22 -20.97
N LEU B 95 -24.97 -6.51 -20.96
CA LEU B 95 -23.70 -7.00 -20.48
C LEU B 95 -23.10 -7.91 -21.55
N THR B 96 -21.97 -7.48 -22.11
CA THR B 96 -21.29 -8.31 -23.10
C THR B 96 -21.13 -9.76 -22.61
N SER B 97 -20.77 -10.70 -23.49
CA SER B 97 -20.60 -12.03 -22.95
C SER B 97 -19.57 -11.99 -21.81
N ASP B 98 -18.35 -11.56 -22.14
CA ASP B 98 -17.26 -11.46 -21.18
C ASP B 98 -17.67 -10.77 -19.86
N GLU B 99 -18.70 -9.93 -19.91
CA GLU B 99 -19.13 -9.20 -18.73
C GLU B 99 -20.09 -10.01 -17.85
N GLN B 100 -20.86 -10.92 -18.45
CA GLN B 100 -21.78 -11.78 -17.73
C GLN B 100 -21.00 -12.91 -17.06
N HIS B 101 -19.82 -13.16 -17.62
CA HIS B 101 -18.85 -14.09 -17.05
C HIS B 101 -18.30 -13.51 -15.74
N LEU B 102 -17.77 -12.30 -15.85
CA LEU B 102 -17.13 -11.63 -14.74
C LEU B 102 -18.08 -11.46 -13.60
N TRP B 103 -19.24 -10.88 -13.91
CA TRP B 103 -20.18 -10.46 -12.89
C TRP B 103 -21.17 -11.55 -12.51
N ARG B 104 -20.72 -12.80 -12.63
CA ARG B 104 -21.62 -13.96 -12.56
C ARG B 104 -22.16 -14.28 -11.17
N GLU B 105 -21.31 -14.08 -10.16
CA GLU B 105 -21.70 -14.30 -8.76
C GLU B 105 -22.91 -13.45 -8.43
N ASN B 106 -23.09 -12.41 -9.24
CA ASN B 106 -24.12 -11.43 -9.04
C ASN B 106 -25.30 -11.75 -9.92
N ASN B 107 -26.23 -12.55 -9.39
CA ASN B 107 -27.34 -13.00 -10.21
C ASN B 107 -28.18 -11.88 -10.80
N GLU B 108 -28.80 -11.12 -9.91
CA GLU B 108 -29.78 -10.16 -10.34
C GLU B 108 -29.10 -9.07 -11.13
N LEU B 109 -27.84 -8.82 -10.78
CA LEU B 109 -27.02 -7.85 -11.51
C LEU B 109 -26.91 -8.22 -12.99
N ILE B 110 -26.44 -9.45 -13.26
CA ILE B 110 -26.24 -9.95 -14.64
C ILE B 110 -27.54 -10.12 -15.45
N SER B 111 -28.67 -10.12 -14.75
CA SER B 111 -29.97 -10.30 -15.39
C SER B 111 -30.75 -8.99 -15.50
N SER B 112 -30.14 -7.87 -15.13
CA SER B 112 -30.76 -6.55 -15.26
C SER B 112 -31.20 -6.25 -16.70
N PRO B 113 -32.50 -5.98 -16.88
CA PRO B 113 -33.17 -5.84 -18.18
C PRO B 113 -32.73 -4.59 -18.96
N ASN B 114 -32.14 -3.62 -18.29
CA ASN B 114 -31.63 -2.41 -18.95
C ASN B 114 -30.51 -1.76 -18.15
N LYS B 115 -29.63 -1.05 -18.85
CA LYS B 115 -28.57 -0.27 -18.22
C LYS B 115 -29.05 0.44 -16.94
N GLU B 116 -30.29 0.93 -16.96
CA GLU B 116 -30.83 1.67 -15.83
C GLU B 116 -30.91 0.82 -14.59
N VAL B 117 -31.59 -0.33 -14.72
CA VAL B 117 -31.67 -1.29 -13.61
C VAL B 117 -30.27 -1.83 -13.35
N LEU B 118 -29.45 -1.83 -14.40
CA LEU B 118 -28.07 -2.23 -14.28
C LEU B 118 -27.38 -1.40 -13.20
N GLU B 119 -27.11 -0.12 -13.48
CA GLU B 119 -26.37 0.69 -12.51
C GLU B 119 -27.10 0.69 -11.17
N GLN B 120 -28.42 0.75 -11.25
CA GLN B 120 -29.26 0.75 -10.05
C GLN B 120 -28.91 -0.43 -9.15
N ARG B 121 -28.73 -1.60 -9.76
CA ARG B 121 -28.31 -2.80 -9.02
C ARG B 121 -26.83 -2.84 -8.66
N TYR B 122 -25.97 -2.38 -9.56
CA TYR B 122 -24.54 -2.25 -9.30
C TYR B 122 -24.33 -1.45 -8.04
N VAL B 123 -24.98 -0.30 -8.00
CA VAL B 123 -24.86 0.60 -6.88
C VAL B 123 -25.39 -0.09 -5.64
N GLN B 124 -26.60 -0.62 -5.76
CA GLN B 124 -27.28 -1.23 -4.62
C GLN B 124 -26.56 -2.49 -4.16
N ASN B 125 -26.35 -3.43 -5.08
CA ASN B 125 -25.88 -4.76 -4.73
C ASN B 125 -24.37 -4.94 -4.64
N VAL B 126 -23.61 -4.10 -5.32
CA VAL B 126 -22.16 -4.19 -5.21
C VAL B 126 -21.64 -3.13 -4.28
N ILE B 127 -21.99 -1.89 -4.59
CA ILE B 127 -21.40 -0.74 -3.94
C ILE B 127 -21.85 -0.50 -2.51
N ILE B 128 -23.16 -0.40 -2.27
CA ILE B 128 -23.60 -0.14 -0.91
C ILE B 128 -23.00 -1.14 0.09
N PRO B 129 -23.17 -2.44 -0.17
CA PRO B 129 -22.58 -3.39 0.77
C PRO B 129 -21.16 -3.00 1.12
N LEU B 130 -20.51 -2.37 0.15
CA LEU B 130 -19.09 -2.09 0.25
C LEU B 130 -18.88 -0.77 0.95
N LEU B 131 -19.82 0.15 0.70
CA LEU B 131 -19.67 1.55 1.07
C LEU B 131 -20.50 2.02 2.28
N GLY B 132 -21.82 1.89 2.16
CA GLY B 132 -22.77 2.32 3.19
C GLY B 132 -23.95 3.06 2.59
N PRO B 133 -25.18 2.69 2.98
CA PRO B 133 -26.41 3.25 2.39
C PRO B 133 -26.76 4.62 2.96
N LYS B 134 -25.85 5.14 3.78
CA LYS B 134 -26.02 6.42 4.45
C LYS B 134 -25.80 7.61 3.52
N HIS B 135 -24.64 7.63 2.86
CA HIS B 135 -24.27 8.74 1.99
C HIS B 135 -24.55 8.41 0.53
N VAL B 136 -25.21 7.28 0.32
CA VAL B 136 -25.39 6.73 -1.00
C VAL B 136 -26.86 6.51 -1.29
N ASP B 137 -27.24 6.80 -2.52
CA ASP B 137 -28.60 6.62 -2.98
C ASP B 137 -28.53 5.97 -4.35
N ALA B 138 -29.20 4.83 -4.54
CA ALA B 138 -29.11 4.10 -5.79
C ALA B 138 -30.14 4.62 -6.81
N GLY B 139 -31.13 5.34 -6.31
CA GLY B 139 -32.08 6.05 -7.16
C GLY B 139 -33.16 5.20 -7.78
N VAL B 140 -34.15 5.87 -8.37
CA VAL B 140 -35.32 5.19 -8.91
C VAL B 140 -35.37 5.17 -10.43
N ARG B 141 -35.76 4.02 -10.98
CA ARG B 141 -35.89 3.84 -12.42
C ARG B 141 -37.31 4.21 -12.89
N VAL B 142 -37.49 5.47 -13.28
CA VAL B 142 -38.82 5.97 -13.60
C VAL B 142 -39.14 6.05 -15.10
N SER B 143 -40.37 5.68 -15.44
CA SER B 143 -40.81 5.48 -16.82
C SER B 143 -40.98 6.80 -17.58
N VAL B 144 -40.30 6.89 -18.72
CA VAL B 144 -40.40 8.06 -19.57
C VAL B 144 -41.37 7.78 -20.72
N SER B 145 -41.72 8.82 -21.47
CA SER B 145 -42.48 8.67 -22.70
C SER B 145 -41.60 9.06 -23.89
N LYS B 146 -40.77 8.10 -24.31
CA LYS B 146 -39.79 8.30 -25.38
C LYS B 146 -40.39 9.04 -26.56
N GLU B 147 -40.20 10.36 -26.58
CA GLU B 147 -40.94 11.20 -27.51
C GLU B 147 -40.68 12.65 -27.14
N PHE B 148 -41.38 13.12 -26.11
CA PHE B 148 -41.19 14.47 -25.59
C PHE B 148 -39.71 14.67 -25.25
N LEU B 149 -39.02 13.59 -24.96
CA LEU B 149 -37.63 13.64 -24.54
C LEU B 149 -36.78 14.51 -25.45
N GLU B 150 -36.92 14.31 -26.76
CA GLU B 150 -36.18 15.07 -27.75
C GLU B 150 -36.17 16.57 -27.44
N CYS B 151 -37.36 17.11 -27.19
CA CYS B 151 -37.52 18.52 -26.82
C CYS B 151 -36.48 18.92 -25.77
N VAL B 152 -36.28 18.03 -24.81
CA VAL B 152 -35.32 18.27 -23.75
C VAL B 152 -33.93 18.36 -24.38
N ASP B 153 -33.54 17.29 -25.07
CA ASP B 153 -32.24 17.22 -25.75
C ASP B 153 -31.83 18.56 -26.33
N LYS B 154 -32.82 19.34 -26.76
CA LYS B 154 -32.58 20.72 -27.11
C LYS B 154 -32.84 21.62 -25.89
N LYS B 155 -34.07 22.12 -25.77
CA LYS B 155 -34.48 23.11 -24.74
C LYS B 155 -33.36 23.76 -23.91
N VAL B 156 -32.65 22.93 -23.14
CA VAL B 156 -31.48 23.37 -22.38
C VAL B 156 -30.49 24.12 -23.27
N THR B 157 -29.40 23.43 -23.62
CA THR B 157 -28.45 23.81 -24.68
C THR B 157 -27.80 25.19 -24.61
N LYS B 158 -26.73 25.35 -25.39
CA LYS B 158 -25.92 26.58 -25.46
C LYS B 158 -25.10 26.80 -24.17
N GLN B 159 -25.60 26.25 -23.07
CA GLN B 159 -24.84 26.18 -21.82
C GLN B 159 -23.92 24.96 -21.89
N ARG B 160 -24.14 24.15 -22.92
CA ARG B 160 -23.32 22.98 -23.24
C ARG B 160 -21.96 23.36 -23.84
N PRO B 161 -20.92 22.59 -23.48
CA PRO B 161 -19.61 22.79 -24.11
C PRO B 161 -19.67 22.31 -25.55
N LEU B 162 -19.19 23.12 -26.49
CA LEU B 162 -19.11 22.68 -27.89
C LEU B 162 -18.24 21.44 -27.95
N TRP B 163 -17.45 21.22 -26.91
CA TRP B 163 -16.59 20.05 -26.81
C TRP B 163 -17.36 18.89 -26.18
N ARG B 164 -18.52 19.21 -25.59
CA ARG B 164 -19.45 18.19 -25.13
C ARG B 164 -20.56 17.94 -26.16
N VAL B 165 -21.07 19.01 -26.76
CA VAL B 165 -21.99 18.91 -27.87
C VAL B 165 -21.25 18.29 -29.05
N ASN B 166 -19.91 18.33 -28.97
CA ASN B 166 -19.06 17.63 -29.91
C ASN B 166 -19.34 16.13 -29.81
N ALA B 167 -18.48 15.41 -29.10
CA ALA B 167 -18.53 13.94 -29.02
C ALA B 167 -19.93 13.33 -29.09
N ALA B 168 -20.66 13.39 -27.98
CA ALA B 168 -22.02 12.83 -27.93
C ALA B 168 -23.05 13.90 -27.56
N ASN B 169 -24.31 13.48 -27.48
CA ASN B 169 -25.40 14.40 -27.22
C ASN B 169 -26.43 13.85 -26.22
N VAL B 170 -27.02 12.70 -26.55
CA VAL B 170 -28.04 12.07 -25.69
C VAL B 170 -28.21 10.60 -26.08
N ASP B 171 -29.23 9.96 -25.50
CA ASP B 171 -29.64 8.60 -25.89
C ASP B 171 -31.14 8.37 -25.63
N THR B 172 -31.93 8.47 -26.69
CA THR B 172 -33.38 8.43 -26.58
C THR B 172 -33.94 7.01 -26.60
N SER B 173 -33.06 6.03 -26.80
CA SER B 173 -33.49 4.64 -26.94
C SER B 173 -34.20 4.10 -25.69
N HIS B 174 -34.14 4.88 -24.61
CA HIS B 174 -34.64 4.41 -23.30
C HIS B 174 -36.09 4.84 -23.04
N ASP B 175 -36.73 4.16 -22.10
CA ASP B 175 -38.09 4.52 -21.67
C ASP B 175 -38.10 4.74 -20.15
N SER B 176 -36.94 5.05 -19.60
CA SER B 176 -36.78 5.17 -18.17
C SER B 176 -35.64 6.12 -17.81
N ALA B 177 -35.87 6.95 -16.80
CA ALA B 177 -34.83 7.82 -16.27
C ALA B 177 -34.47 7.42 -14.83
N LEU B 178 -33.53 8.16 -14.24
CA LEU B 178 -33.15 7.94 -12.85
C LEU B 178 -33.40 9.21 -12.07
N ILE B 179 -33.89 9.07 -10.85
CA ILE B 179 -34.20 10.22 -10.00
C ILE B 179 -33.56 10.11 -8.61
N LEU B 180 -32.89 11.19 -8.19
CA LEU B 180 -32.18 11.18 -6.92
C LEU B 180 -32.50 12.43 -6.13
N ASN B 181 -31.91 12.56 -4.94
CA ASN B 181 -32.09 13.77 -4.17
C ASN B 181 -31.13 14.84 -4.68
N ASP B 182 -31.62 16.03 -4.97
CA ASP B 182 -30.72 17.13 -5.24
C ASP B 182 -29.92 17.26 -3.96
N HIS B 183 -28.60 17.38 -4.05
CA HIS B 183 -27.84 17.55 -2.83
C HIS B 183 -27.39 19.01 -2.67
N SER B 184 -28.00 19.91 -3.43
CA SER B 184 -27.77 21.34 -3.19
C SER B 184 -28.99 21.97 -2.52
N LEU B 185 -30.06 21.20 -2.42
CA LEU B 185 -31.24 21.56 -1.64
C LEU B 185 -31.18 20.79 -0.34
N PHE B 186 -31.61 21.41 0.75
CA PHE B 186 -31.56 20.75 2.05
C PHE B 186 -32.88 20.08 2.46
N SER B 187 -33.95 20.33 1.71
CA SER B 187 -35.17 19.51 1.81
C SER B 187 -36.24 19.93 0.80
N CYS B 196 -28.92 27.33 -0.61
CA CYS B 196 -28.10 26.40 0.17
C CYS B 196 -26.68 26.37 -0.38
N ILE B 197 -25.69 26.35 0.51
CA ILE B 197 -24.31 26.30 0.07
C ILE B 197 -23.77 24.88 -0.06
N SER B 198 -23.63 24.43 -1.30
CA SER B 198 -23.18 23.07 -1.56
C SER B 198 -21.83 23.05 -2.28
N VAL B 199 -21.07 21.98 -2.06
CA VAL B 199 -19.74 21.86 -2.62
C VAL B 199 -19.59 20.48 -3.24
N GLU B 200 -19.25 20.44 -4.53
CA GLU B 200 -19.03 19.16 -5.17
C GLU B 200 -17.54 18.93 -5.27
N ILE B 201 -17.12 17.75 -4.88
CA ILE B 201 -15.71 17.43 -4.98
C ILE B 201 -15.48 16.13 -5.77
N LYS B 202 -14.59 16.21 -6.77
CA LYS B 202 -14.12 15.03 -7.46
C LYS B 202 -12.68 14.75 -7.01
N PRO B 203 -12.53 13.92 -5.96
CA PRO B 203 -11.29 13.58 -5.25
C PRO B 203 -10.16 12.96 -6.08
N LYS B 204 -10.51 12.04 -6.99
CA LYS B 204 -9.53 11.20 -7.70
C LYS B 204 -8.92 10.14 -6.80
N CYS B 205 -7.76 9.65 -7.17
CA CYS B 205 -7.14 8.59 -6.41
C CYS B 205 -6.30 9.16 -5.27
N GLY B 206 -6.54 8.65 -4.08
CA GLY B 206 -5.86 9.12 -2.88
C GLY B 206 -4.73 8.26 -2.38
N PHE B 207 -4.16 7.40 -3.24
CA PHE B 207 -2.99 6.63 -2.84
C PHE B 207 -1.94 6.38 -3.91
N LEU B 208 -0.85 5.77 -3.46
CA LEU B 208 0.30 5.46 -4.29
C LEU B 208 0.46 3.94 -4.36
N PRO B 209 0.56 3.40 -5.58
CA PRO B 209 0.55 1.95 -5.72
C PRO B 209 1.84 1.36 -5.15
N THR B 210 1.77 0.08 -4.77
CA THR B 210 2.94 -0.59 -4.20
C THR B 210 3.40 -1.76 -5.08
N SER B 211 2.48 -2.31 -5.87
CA SER B 211 2.66 -3.56 -6.63
C SER B 211 4.01 -3.86 -7.30
N ARG B 212 4.46 -5.11 -7.14
CA ARG B 212 5.68 -5.56 -7.77
C ARG B 212 5.54 -5.60 -9.28
N PHE B 213 4.29 -5.58 -9.74
CA PHE B 213 3.99 -5.59 -11.16
C PHE B 213 4.24 -4.22 -11.79
N ILE B 214 4.58 -3.25 -10.95
CA ILE B 214 5.11 -1.99 -11.45
C ILE B 214 6.64 -2.08 -11.51
N GLY B 215 7.15 -2.48 -12.68
CA GLY B 215 8.56 -2.75 -12.88
C GLY B 215 9.49 -1.56 -12.73
N LYS B 216 10.79 -1.77 -12.95
CA LYS B 216 11.80 -0.77 -12.59
C LYS B 216 11.64 0.58 -13.28
N GLU B 217 11.47 0.57 -14.60
CA GLU B 217 11.36 1.81 -15.37
C GLU B 217 10.17 2.67 -14.94
N ASN B 218 9.13 2.02 -14.41
CA ASN B 218 7.94 2.72 -13.95
C ASN B 218 7.87 2.80 -12.43
N ILE B 219 9.02 3.00 -11.79
CA ILE B 219 9.09 3.08 -10.34
C ILE B 219 8.47 4.38 -9.83
N LEU B 220 8.66 5.45 -10.59
CA LEU B 220 8.12 6.75 -10.21
C LEU B 220 6.63 6.68 -9.92
N LYS B 221 6.00 5.60 -10.41
CA LYS B 221 4.57 5.41 -10.20
C LYS B 221 4.33 5.25 -8.70
N THR B 222 5.42 4.94 -8.02
CA THR B 222 5.39 4.55 -6.62
C THR B 222 5.52 5.75 -5.72
N SER B 223 6.13 6.80 -6.25
CA SER B 223 6.47 7.97 -5.45
C SER B 223 5.73 9.24 -5.87
N VAL B 224 4.95 9.17 -6.94
CA VAL B 224 4.21 10.34 -7.42
C VAL B 224 2.77 9.95 -7.70
N SER B 225 1.83 10.77 -7.23
CA SER B 225 0.42 10.49 -7.45
C SER B 225 0.07 10.47 -8.93
N ARG B 226 -0.88 9.64 -9.32
CA ARG B 226 -1.30 9.58 -10.72
C ARG B 226 -1.95 10.90 -11.09
N PHE B 227 -2.52 11.56 -10.09
CA PHE B 227 -3.10 12.88 -10.32
C PHE B 227 -2.04 13.80 -10.89
N LYS B 228 -0.86 13.80 -10.29
CA LYS B 228 0.15 14.74 -10.70
C LYS B 228 0.78 14.42 -12.07
N MET B 229 1.28 13.20 -12.25
CA MET B 229 1.83 12.85 -13.55
C MET B 229 0.80 13.15 -14.62
N HIS B 230 -0.47 13.17 -14.25
CA HIS B 230 -1.50 13.35 -15.24
C HIS B 230 -1.62 14.81 -15.62
N GLN B 231 -1.60 15.69 -14.62
CA GLN B 231 -1.64 17.14 -14.87
C GLN B 231 -0.57 17.50 -15.88
N LEU B 232 0.60 16.89 -15.73
CA LEU B 232 1.70 17.24 -16.60
C LEU B 232 1.31 16.94 -18.02
N LEU B 233 1.03 15.68 -18.31
CA LEU B 233 0.49 15.31 -19.62
C LEU B 233 -0.59 16.29 -20.06
N LYS B 234 -1.59 16.51 -19.19
CA LYS B 234 -2.74 17.32 -19.57
C LYS B 234 -2.34 18.68 -20.08
N LEU B 235 -1.38 19.33 -19.41
CA LEU B 235 -0.79 20.58 -19.90
C LEU B 235 -0.21 20.37 -21.29
N GLU B 236 0.57 19.29 -21.39
CA GLU B 236 1.32 18.98 -22.58
C GLU B 236 0.33 18.86 -23.70
N TYR B 237 -0.85 18.32 -23.40
CA TYR B 237 -1.85 18.10 -24.42
C TYR B 237 -2.97 19.11 -24.35
N ILE B 238 -2.74 20.21 -23.63
CA ILE B 238 -3.59 21.39 -23.75
C ILE B 238 -5.05 21.15 -23.32
N GLU B 239 -5.20 20.43 -22.20
CA GLU B 239 -6.50 20.06 -21.67
C GLU B 239 -6.75 20.77 -20.36
N ILE B 240 -5.75 21.49 -19.87
CA ILE B 240 -5.88 22.39 -18.72
C ILE B 240 -4.90 23.53 -18.96
N SER B 241 -5.22 24.72 -18.47
CA SER B 241 -4.40 25.91 -18.73
C SER B 241 -3.17 25.97 -17.84
N GLU B 242 -3.23 25.31 -16.69
CA GLU B 242 -2.06 25.23 -15.84
C GLU B 242 -2.25 24.22 -14.73
N GLU B 243 -1.13 23.69 -14.26
CA GLU B 243 -1.15 22.62 -13.30
C GLU B 243 -1.91 23.06 -12.07
N SER B 244 -2.91 22.25 -11.72
CA SER B 244 -3.66 22.39 -10.49
C SER B 244 -2.74 22.17 -9.30
N GLU B 245 -2.99 22.95 -8.24
CA GLU B 245 -2.20 22.89 -7.00
C GLU B 245 -2.79 21.89 -5.99
N TYR B 246 -3.80 21.16 -6.43
CA TYR B 246 -4.42 20.12 -5.62
C TYR B 246 -3.57 18.85 -5.59
N ASP B 247 -3.55 18.19 -4.44
CA ASP B 247 -2.87 16.91 -4.30
C ASP B 247 -3.72 16.00 -3.38
N PRO B 248 -4.50 15.09 -4.00
CA PRO B 248 -5.42 14.14 -3.37
C PRO B 248 -4.83 13.37 -2.20
N LEU B 249 -3.51 13.19 -2.17
CA LEU B 249 -2.90 12.50 -1.04
C LEU B 249 -3.20 13.27 0.25
N ASP B 250 -2.87 14.56 0.27
CA ASP B 250 -3.19 15.47 1.36
C ASP B 250 -4.61 15.20 1.77
N LEU B 251 -5.55 15.57 0.92
CA LEU B 251 -6.96 15.47 1.25
C LEU B 251 -7.38 14.06 1.73
N PHE B 252 -6.68 13.04 1.28
CA PHE B 252 -7.03 11.66 1.64
C PHE B 252 -6.25 11.13 2.83
N SER B 253 -5.30 11.95 3.31
CA SER B 253 -4.36 11.56 4.38
C SER B 253 -4.97 11.58 5.79
N GLY B 254 -6.11 12.25 5.94
CA GLY B 254 -6.75 12.30 7.24
C GLY B 254 -5.88 12.93 8.32
N SER B 255 -5.09 13.92 7.91
CA SER B 255 -4.49 14.87 8.85
C SER B 255 -5.31 16.14 8.71
N LYS B 256 -5.71 16.71 9.85
CA LYS B 256 -6.63 17.86 9.82
C LYS B 256 -6.06 19.04 9.05
N GLU B 257 -4.73 19.18 9.07
CA GLU B 257 -4.05 20.23 8.32
C GLU B 257 -4.20 19.96 6.83
N ARG B 258 -3.58 18.86 6.39
CA ARG B 258 -3.50 18.48 4.99
C ARG B 258 -4.84 18.45 4.27
N VAL B 259 -5.88 17.98 4.94
CA VAL B 259 -7.19 18.08 4.33
C VAL B 259 -7.47 19.53 3.92
N LEU B 260 -7.41 20.43 4.89
CA LEU B 260 -7.67 21.86 4.69
C LEU B 260 -6.74 22.42 3.62
N GLU B 261 -5.44 22.26 3.85
CA GLU B 261 -4.44 22.50 2.82
C GLU B 261 -4.97 22.14 1.44
N ALA B 262 -5.50 20.91 1.30
CA ALA B 262 -6.02 20.43 0.02
C ALA B 262 -7.19 21.25 -0.49
N ILE B 263 -8.26 21.35 0.29
CA ILE B 263 -9.42 22.10 -0.17
C ILE B 263 -9.07 23.56 -0.43
N LYS B 264 -7.95 24.02 0.13
CA LYS B 264 -7.44 25.36 -0.15
C LYS B 264 -6.94 25.38 -1.58
N ALA B 265 -6.15 24.36 -1.90
CA ALA B 265 -5.64 24.15 -3.25
C ALA B 265 -6.79 24.03 -4.26
N LEU B 266 -7.78 23.20 -3.97
CA LEU B 266 -8.91 23.07 -4.88
C LEU B 266 -9.50 24.45 -5.19
N TYR B 267 -9.84 25.21 -4.13
CA TYR B 267 -10.34 26.58 -4.28
C TYR B 267 -9.45 27.40 -5.18
N SER B 268 -8.15 27.29 -4.96
CA SER B 268 -7.21 28.03 -5.77
C SER B 268 -7.33 27.69 -7.26
N THR B 269 -7.41 26.39 -7.58
CA THR B 269 -7.31 25.92 -8.96
C THR B 269 -8.30 24.78 -9.24
N PRO B 270 -9.60 25.11 -9.28
CA PRO B 270 -10.77 24.21 -9.29
C PRO B 270 -10.87 23.16 -10.41
N GLN B 271 -10.39 23.48 -11.62
CA GLN B 271 -10.62 22.59 -12.78
C GLN B 271 -11.98 21.92 -12.68
N ASN B 272 -12.00 20.61 -12.86
CA ASN B 272 -13.24 19.87 -12.84
C ASN B 272 -13.48 19.21 -11.48
N ASN B 273 -12.59 19.49 -10.53
CA ASN B 273 -12.65 18.87 -9.21
C ASN B 273 -13.47 19.61 -8.18
N PHE B 274 -13.33 20.94 -8.14
CA PHE B 274 -14.04 21.76 -7.16
C PHE B 274 -15.25 22.38 -7.83
N ARG B 275 -16.37 22.38 -7.11
CA ARG B 275 -17.61 22.97 -7.59
C ARG B 275 -18.38 23.49 -6.40
N VAL B 276 -19.02 24.65 -6.53
CA VAL B 276 -19.77 25.23 -5.42
C VAL B 276 -21.13 25.75 -5.87
N PHE B 277 -22.15 25.55 -5.05
CA PHE B 277 -23.51 25.88 -5.44
C PHE B 277 -24.23 26.77 -4.43
N LEU B 278 -25.23 27.49 -4.92
CA LEU B 278 -26.17 28.23 -4.09
C LEU B 278 -27.56 28.08 -4.70
N ASN B 279 -28.49 27.56 -3.91
CA ASN B 279 -29.80 27.17 -4.45
C ASN B 279 -29.62 26.50 -5.82
N GLY B 280 -28.67 25.58 -5.88
CA GLY B 280 -28.41 24.80 -7.07
C GLY B 280 -28.04 25.63 -8.29
N SER B 281 -27.63 26.87 -8.07
CA SER B 281 -27.05 27.63 -9.16
C SER B 281 -25.54 27.67 -8.97
N LEU B 282 -24.82 27.53 -10.07
CA LEU B 282 -23.37 27.43 -10.00
C LEU B 282 -22.71 28.78 -9.75
N ILE B 283 -22.07 28.92 -8.58
CA ILE B 283 -21.28 30.11 -8.32
C ILE B 283 -19.82 29.91 -8.72
N LEU B 284 -19.12 29.02 -8.04
CA LEU B 284 -17.71 28.72 -8.36
C LEU B 284 -17.51 27.32 -8.93
N GLY B 285 -17.30 27.21 -10.24
CA GLY B 285 -16.95 25.92 -10.83
C GLY B 285 -17.17 25.75 -12.32
N GLY B 286 -16.71 24.61 -12.84
CA GLY B 286 -16.79 24.32 -14.27
C GLY B 286 -18.18 24.04 -14.80
N THR B 291 -12.20 24.45 -15.50
CA THR B 291 -12.37 25.87 -15.17
C THR B 291 -11.06 26.51 -14.74
N GLY B 292 -10.74 27.65 -15.36
CA GLY B 292 -9.43 28.28 -15.21
C GLY B 292 -9.06 28.60 -13.78
N ARG B 293 -7.76 28.63 -13.49
CA ARG B 293 -7.32 29.02 -12.15
C ARG B 293 -8.18 30.12 -11.58
N THR B 294 -8.41 30.05 -10.29
CA THR B 294 -9.21 31.08 -9.66
C THR B 294 -8.37 32.31 -9.38
N SER B 295 -8.64 33.33 -10.19
CA SER B 295 -8.06 34.66 -10.09
C SER B 295 -8.60 35.39 -8.86
N PRO B 296 -7.96 36.52 -8.47
CA PRO B 296 -8.43 37.35 -7.36
C PRO B 296 -9.68 38.14 -7.79
N GLU B 297 -9.80 38.38 -9.08
CA GLU B 297 -10.96 39.08 -9.60
C GLU B 297 -12.22 38.21 -9.44
N ILE B 298 -12.05 36.89 -9.54
CA ILE B 298 -13.16 35.99 -9.29
C ILE B 298 -13.21 35.60 -7.82
N GLY B 299 -12.40 36.30 -7.03
CA GLY B 299 -12.34 36.11 -5.59
C GLY B 299 -13.26 37.07 -4.87
N TYR B 300 -13.28 38.33 -5.31
CA TYR B 300 -14.19 39.30 -4.73
C TYR B 300 -15.62 38.91 -5.10
N ALA B 301 -15.82 38.54 -6.36
CA ALA B 301 -17.12 38.07 -6.81
C ALA B 301 -17.60 36.81 -6.07
N PHE B 302 -16.63 36.03 -5.54
CA PHE B 302 -16.92 34.91 -4.67
C PHE B 302 -17.15 35.40 -3.24
N GLU B 303 -16.15 36.10 -2.69
CA GLU B 303 -16.26 36.74 -1.37
C GLU B 303 -17.63 37.38 -1.26
N ASP B 304 -18.05 37.99 -2.35
CA ASP B 304 -19.41 38.49 -2.48
C ASP B 304 -20.42 37.46 -1.96
N ALA B 305 -20.76 36.50 -2.82
CA ALA B 305 -21.94 35.64 -2.63
C ALA B 305 -21.99 34.87 -1.31
N LEU B 306 -20.95 35.00 -0.52
CA LEU B 306 -20.88 34.33 0.78
C LEU B 306 -21.62 35.15 1.83
N LYS B 307 -21.78 36.43 1.53
CA LYS B 307 -22.43 37.39 2.43
C LYS B 307 -23.85 37.00 2.79
N GLY B 308 -24.09 36.89 4.09
CA GLY B 308 -25.38 36.48 4.60
C GLY B 308 -25.22 35.15 5.28
N PHE B 309 -24.85 34.15 4.47
CA PHE B 309 -24.48 32.82 4.93
C PHE B 309 -23.27 32.90 5.87
N ILE B 310 -22.27 33.65 5.44
CA ILE B 310 -21.08 33.94 6.25
C ILE B 310 -20.82 35.44 6.27
N GLY B 315 -13.57 40.94 4.99
CA GLY B 315 -13.02 40.30 3.79
C GLY B 315 -12.46 38.91 4.06
N HIS B 316 -13.03 38.24 5.06
CA HIS B 316 -12.58 36.92 5.49
C HIS B 316 -13.69 35.89 5.36
N ARG B 317 -14.59 36.12 4.39
CA ARG B 317 -15.68 35.19 4.15
C ARG B 317 -15.18 33.93 3.43
N THR B 318 -14.11 34.11 2.64
CA THR B 318 -13.64 33.06 1.76
C THR B 318 -12.50 32.25 2.41
N GLU B 319 -12.54 32.13 3.73
CA GLU B 319 -11.57 31.28 4.41
C GLU B 319 -12.25 30.58 5.58
N CYS B 320 -13.24 31.25 6.15
CA CYS B 320 -14.09 30.67 7.18
C CYS B 320 -15.02 29.68 6.48
N PHE B 321 -14.99 29.69 5.16
CA PHE B 321 -15.80 28.75 4.37
C PHE B 321 -15.03 27.46 4.09
N LEU B 322 -13.80 27.60 3.62
CA LEU B 322 -12.97 26.44 3.34
C LEU B 322 -12.77 25.65 4.64
N GLN B 323 -12.63 26.38 5.74
CA GLN B 323 -12.47 25.74 7.03
C GLN B 323 -13.74 24.98 7.30
N LEU B 324 -14.86 25.57 6.91
CA LEU B 324 -16.14 24.92 7.02
C LEU B 324 -16.11 23.60 6.24
N VAL B 325 -15.74 23.68 4.96
CA VAL B 325 -15.62 22.51 4.11
C VAL B 325 -14.64 21.53 4.76
N SER B 326 -13.38 21.95 4.86
CA SER B 326 -12.42 21.15 5.57
C SER B 326 -13.08 20.54 6.79
N ASP B 327 -13.48 21.38 7.74
CA ASP B 327 -14.00 20.97 9.05
C ASP B 327 -15.08 19.88 9.02
N ALA B 328 -15.96 19.91 8.03
CA ALA B 328 -17.03 18.92 7.90
C ALA B 328 -16.49 17.60 7.37
N VAL B 329 -16.08 17.62 6.11
CA VAL B 329 -15.48 16.48 5.44
C VAL B 329 -14.54 15.70 6.36
N TYR B 330 -13.47 16.34 6.82
CA TYR B 330 -12.52 15.67 7.72
C TYR B 330 -13.24 15.05 8.89
N GLY B 331 -14.09 15.83 9.52
CA GLY B 331 -14.85 15.35 10.67
C GLY B 331 -15.75 14.18 10.32
N SER B 332 -16.17 14.12 9.06
CA SER B 332 -17.07 13.07 8.58
C SER B 332 -16.35 11.75 8.24
N GLY B 333 -15.09 11.84 7.87
CA GLY B 333 -14.26 10.68 7.58
C GLY B 333 -14.86 9.82 6.48
N VAL B 334 -15.47 10.49 5.51
CA VAL B 334 -16.07 9.82 4.37
C VAL B 334 -14.98 9.51 3.34
N LEU B 335 -13.92 10.31 3.33
CA LEU B 335 -12.75 10.02 2.51
C LEU B 335 -12.17 8.70 2.97
N ASP B 336 -12.12 8.53 4.29
CA ASP B 336 -11.69 7.27 4.90
C ASP B 336 -12.48 6.10 4.32
N ARG B 337 -13.81 6.18 4.42
CA ARG B 337 -14.71 5.25 3.74
C ARG B 337 -14.31 5.03 2.28
N LEU B 338 -14.21 6.12 1.53
CA LEU B 338 -13.95 6.05 0.09
C LEU B 338 -12.61 5.44 -0.28
N LEU B 339 -11.55 5.82 0.42
CA LEU B 339 -10.20 5.43 0.02
C LEU B 339 -10.07 3.89 0.02
N GLU B 340 -10.98 3.23 0.73
CA GLU B 340 -10.91 1.80 0.91
C GLU B 340 -11.23 1.09 -0.39
N ILE B 341 -12.47 1.25 -0.82
CA ILE B 341 -12.85 0.80 -2.14
C ILE B 341 -11.77 1.12 -3.18
N GLN B 342 -11.30 2.37 -3.20
CA GLN B 342 -10.27 2.74 -4.17
C GLN B 342 -9.14 1.72 -4.12
N LYS B 343 -8.66 1.45 -2.90
CA LYS B 343 -7.53 0.55 -2.63
C LYS B 343 -7.90 -0.92 -2.85
N LEU B 344 -9.12 -1.12 -3.35
CA LEU B 344 -9.51 -2.40 -3.90
C LEU B 344 -8.61 -2.70 -5.10
N ASP B 345 -8.27 -1.68 -5.88
CA ASP B 345 -7.17 -1.80 -6.83
C ASP B 345 -5.86 -2.20 -6.12
N LYS B 346 -5.77 -3.46 -5.72
CA LYS B 346 -4.53 -4.06 -5.24
C LYS B 346 -3.84 -4.55 -6.48
N LEU B 347 -2.55 -4.27 -6.67
CA LEU B 347 -1.84 -4.73 -7.91
C LEU B 347 -1.55 -3.67 -9.00
N ASP B 348 -2.58 -2.90 -9.39
CA ASP B 348 -2.43 -1.83 -10.35
C ASP B 348 -2.53 -2.31 -11.79
N ILE B 349 -3.16 -1.50 -12.62
CA ILE B 349 -3.30 -1.80 -14.04
C ILE B 349 -2.17 -2.63 -14.65
N GLU B 350 -0.92 -2.45 -14.21
CA GLU B 350 0.16 -3.30 -14.73
C GLU B 350 0.04 -4.79 -14.29
N GLY B 351 -0.49 -5.02 -13.09
CA GLY B 351 -0.87 -6.35 -12.69
C GLY B 351 -2.18 -6.81 -13.32
N ALA B 352 -3.29 -6.18 -12.94
CA ALA B 352 -4.60 -6.64 -13.36
C ALA B 352 -4.78 -6.80 -14.88
N ILE B 353 -3.98 -6.12 -15.69
CA ILE B 353 -4.20 -6.24 -17.12
C ILE B 353 -3.93 -7.68 -17.58
N HIS B 354 -3.03 -8.37 -16.87
CA HIS B 354 -2.76 -9.76 -17.12
C HIS B 354 -4.05 -10.55 -16.90
N CYS B 355 -4.63 -10.38 -15.72
CA CYS B 355 -5.93 -10.98 -15.42
C CYS B 355 -7.06 -10.59 -16.37
N TYR B 356 -7.08 -9.35 -16.82
CA TYR B 356 -8.06 -9.00 -17.83
C TYR B 356 -8.06 -9.96 -19.01
N TYR B 357 -6.88 -10.29 -19.52
CA TYR B 357 -6.74 -11.14 -20.70
C TYR B 357 -7.21 -12.59 -20.54
N ASP B 358 -6.82 -13.26 -19.47
CA ASP B 358 -7.33 -14.58 -19.19
C ASP B 358 -8.85 -14.62 -19.22
N ILE B 359 -9.48 -13.73 -18.47
CA ILE B 359 -10.94 -13.62 -18.46
C ILE B 359 -11.62 -13.41 -19.84
N ILE B 360 -11.03 -12.61 -20.72
CA ILE B 360 -11.58 -12.46 -22.07
C ILE B 360 -11.05 -13.55 -23.02
N ASN B 361 -10.40 -14.53 -22.40
CA ASN B 361 -9.73 -15.63 -23.06
C ASN B 361 -8.89 -15.38 -24.31
N GLN B 362 -8.22 -14.22 -24.36
CA GLN B 362 -7.27 -13.93 -25.43
C GLN B 362 -5.84 -14.06 -24.92
N PRO B 363 -4.87 -14.34 -25.82
CA PRO B 363 -3.51 -14.73 -25.41
C PRO B 363 -2.77 -13.68 -24.62
N ALA B 381 -2.09 -17.66 -14.69
CA ALA B 381 -1.65 -18.90 -14.02
C ALA B 381 -2.03 -18.94 -12.54
N LEU B 382 -3.33 -18.86 -12.30
CA LEU B 382 -3.88 -18.53 -11.00
C LEU B 382 -5.36 -18.86 -11.12
N PRO B 383 -5.93 -19.48 -10.08
CA PRO B 383 -7.30 -20.03 -10.16
C PRO B 383 -8.36 -19.00 -10.57
N LEU B 384 -9.12 -19.33 -11.61
CA LEU B 384 -10.12 -18.44 -12.23
C LEU B 384 -10.90 -17.57 -11.27
N ASP B 385 -11.39 -18.17 -10.19
CA ASP B 385 -12.08 -17.36 -9.20
C ASP B 385 -11.27 -16.13 -8.83
N GLU B 386 -9.98 -16.30 -8.57
CA GLU B 386 -9.13 -15.18 -8.13
C GLU B 386 -8.66 -14.24 -9.24
N SER B 387 -8.95 -14.55 -10.50
CA SER B 387 -8.65 -13.62 -11.59
C SER B 387 -9.87 -12.74 -11.80
N LEU B 388 -11.04 -13.38 -11.73
CA LEU B 388 -12.30 -12.68 -11.73
C LEU B 388 -12.35 -11.71 -10.55
N LYS B 389 -12.02 -12.21 -9.37
CA LYS B 389 -12.09 -11.41 -8.19
C LYS B 389 -11.20 -10.20 -8.39
N ILE B 390 -10.04 -10.42 -8.99
CA ILE B 390 -9.09 -9.32 -9.16
C ILE B 390 -9.58 -8.21 -10.10
N VAL B 391 -10.06 -8.63 -11.25
CA VAL B 391 -10.57 -7.71 -12.26
C VAL B 391 -11.84 -7.06 -11.75
N LYS B 392 -12.72 -7.86 -11.16
CA LYS B 392 -13.88 -7.26 -10.51
C LYS B 392 -13.42 -6.13 -9.59
N GLU B 393 -12.71 -6.50 -8.53
CA GLU B 393 -12.30 -5.51 -7.55
C GLU B 393 -11.66 -4.29 -8.22
N TYR B 394 -10.94 -4.51 -9.32
CA TYR B 394 -10.28 -3.39 -9.97
C TYR B 394 -11.28 -2.37 -10.52
N LEU B 395 -12.29 -2.89 -11.20
CA LEU B 395 -13.37 -2.12 -11.78
C LEU B 395 -14.26 -1.44 -10.74
N ILE B 396 -14.25 -1.98 -9.53
CA ILE B 396 -14.96 -1.35 -8.43
C ILE B 396 -14.10 -0.23 -7.93
N ALA B 397 -12.90 -0.58 -7.51
CA ALA B 397 -11.87 0.41 -7.22
C ALA B 397 -11.97 1.56 -8.23
N ALA B 398 -11.97 1.20 -9.51
CA ALA B 398 -12.15 2.16 -10.59
C ALA B 398 -13.39 3.02 -10.40
N THR B 399 -14.52 2.41 -10.12
CA THR B 399 -15.76 3.15 -9.94
C THR B 399 -15.55 4.23 -8.90
N ALA B 400 -14.79 3.88 -7.86
CA ALA B 400 -14.65 4.71 -6.67
C ALA B 400 -13.64 5.85 -6.85
N LYS B 401 -12.71 5.70 -7.80
CA LYS B 401 -11.70 6.71 -8.08
C LYS B 401 -12.23 7.82 -8.96
N ASP B 402 -13.48 7.68 -9.44
CA ASP B 402 -14.06 8.63 -10.39
C ASP B 402 -15.33 9.32 -9.88
N CYS B 403 -15.73 9.05 -8.64
CA CYS B 403 -16.98 9.60 -8.15
C CYS B 403 -16.78 11.01 -7.68
N SER B 404 -17.87 11.69 -7.33
CA SER B 404 -17.76 12.95 -6.62
C SER B 404 -18.49 12.89 -5.29
N ILE B 405 -17.94 13.58 -4.30
CA ILE B 405 -18.58 13.80 -3.02
C ILE B 405 -19.41 15.07 -3.15
N MET B 406 -20.51 15.16 -2.42
CA MET B 406 -21.22 16.44 -2.25
C MET B 406 -21.60 16.69 -0.77
N ILE B 407 -21.24 17.88 -0.28
CA ILE B 407 -21.61 18.33 1.05
C ILE B 407 -22.51 19.54 0.95
N SER B 408 -23.45 19.65 1.89
CA SER B 408 -24.39 20.75 1.87
C SER B 408 -24.56 21.42 3.23
N PHE B 409 -24.96 22.69 3.18
CA PHE B 409 -25.27 23.44 4.37
C PHE B 409 -26.49 24.30 4.07
N GLN B 431 -22.75 31.40 13.77
CA GLN B 431 -23.05 30.34 12.81
C GLN B 431 -22.65 28.95 13.34
N THR B 432 -23.38 27.90 12.92
CA THR B 432 -23.06 26.51 13.29
C THR B 432 -22.97 25.54 12.09
N PHE B 433 -24.06 25.41 11.34
CA PHE B 433 -24.09 24.68 10.06
C PHE B 433 -24.28 23.16 10.13
N ASP B 434 -25.43 22.72 9.62
CA ASP B 434 -25.67 21.30 9.41
C ASP B 434 -25.18 20.97 8.01
N TYR B 435 -24.77 19.71 7.81
CA TYR B 435 -24.33 19.30 6.48
C TYR B 435 -24.70 17.88 6.12
N LYS B 436 -24.94 17.66 4.82
CA LYS B 436 -25.10 16.33 4.23
C LYS B 436 -23.82 15.98 3.48
N VAL B 437 -23.61 14.69 3.25
CA VAL B 437 -22.49 14.21 2.46
C VAL B 437 -22.97 13.06 1.60
N HIS B 438 -23.03 13.26 0.29
CA HIS B 438 -23.48 12.19 -0.57
C HIS B 438 -22.45 11.86 -1.65
N PHE B 439 -22.32 10.58 -1.98
CA PHE B 439 -21.52 10.19 -3.13
C PHE B 439 -22.36 10.22 -4.40
N ILE B 440 -21.68 10.36 -5.53
CA ILE B 440 -22.34 10.51 -6.82
C ILE B 440 -21.39 10.05 -7.93
N ASP B 441 -21.93 9.71 -9.09
CA ASP B 441 -21.11 9.18 -10.20
C ASP B 441 -20.47 7.79 -9.87
N LEU B 442 -21.26 6.93 -9.23
CA LEU B 442 -20.84 5.58 -8.90
C LEU B 442 -21.27 4.60 -9.97
N SER B 443 -20.73 4.80 -11.16
CA SER B 443 -21.13 4.03 -12.32
C SER B 443 -20.20 2.88 -12.62
N LEU B 444 -20.83 1.76 -13.01
CA LEU B 444 -20.19 0.51 -13.40
C LEU B 444 -19.35 0.62 -14.68
N LYS B 445 -18.06 0.35 -14.57
CA LYS B 445 -17.16 0.61 -15.68
C LYS B 445 -17.02 -0.63 -16.54
N PRO B 446 -17.13 -0.46 -17.86
CA PRO B 446 -17.09 -1.56 -18.82
C PRO B 446 -15.76 -2.31 -18.88
N LEU B 447 -15.91 -3.63 -18.79
CA LEU B 447 -14.82 -4.57 -18.82
C LEU B 447 -13.90 -4.35 -20.01
N LYS B 448 -14.46 -3.83 -21.11
CA LYS B 448 -13.68 -3.44 -22.29
C LYS B 448 -12.65 -2.37 -21.96
N ARG B 449 -13.00 -1.56 -20.96
CA ARG B 449 -12.24 -0.37 -20.60
C ARG B 449 -10.79 -0.63 -20.16
N MET B 450 -10.50 -1.91 -19.91
CA MET B 450 -9.28 -2.29 -19.23
C MET B 450 -8.05 -2.03 -20.07
N GLU B 451 -8.16 -2.09 -21.39
CA GLU B 451 -7.01 -1.76 -22.22
C GLU B 451 -6.85 -0.24 -22.38
N SER B 452 -7.97 0.49 -22.34
CA SER B 452 -7.96 1.94 -22.28
C SER B 452 -7.18 2.41 -21.08
N TYR B 453 -7.39 1.71 -19.97
CA TYR B 453 -6.78 2.05 -18.72
C TYR B 453 -5.30 1.87 -18.80
N TYR B 454 -4.89 0.68 -19.21
CA TYR B 454 -3.49 0.41 -19.41
C TYR B 454 -2.91 1.42 -20.39
N LYS B 455 -3.45 1.50 -21.59
CA LYS B 455 -2.88 2.35 -22.62
C LYS B 455 -2.63 3.74 -22.05
N LEU B 456 -3.66 4.30 -21.45
CA LEU B 456 -3.52 5.54 -20.69
C LEU B 456 -2.41 5.46 -19.64
N ASP B 457 -2.51 4.54 -18.70
CA ASP B 457 -1.51 4.52 -17.67
C ASP B 457 -0.11 4.51 -18.26
N LYS B 458 0.13 3.55 -19.15
CA LYS B 458 1.40 3.48 -19.86
C LYS B 458 1.82 4.87 -20.33
N LYS B 459 0.96 5.51 -21.11
CA LYS B 459 1.26 6.81 -21.69
C LYS B 459 1.75 7.78 -20.66
N ILE B 460 1.07 7.81 -19.51
CA ILE B 460 1.35 8.79 -18.46
C ILE B 460 2.73 8.57 -17.89
N ILE B 461 2.86 7.49 -17.16
CA ILE B 461 4.16 7.11 -16.62
C ILE B 461 5.23 7.31 -17.66
N SER B 462 4.94 6.94 -18.90
CA SER B 462 5.95 7.09 -19.95
C SER B 462 6.35 8.55 -20.06
N PHE B 463 5.41 9.37 -20.49
CA PHE B 463 5.66 10.79 -20.61
C PHE B 463 6.34 11.41 -19.38
N TYR B 464 5.97 10.96 -18.19
CA TYR B 464 6.55 11.55 -17.00
C TYR B 464 8.02 11.20 -16.91
N ASN B 465 8.31 9.93 -16.73
CA ASN B 465 9.67 9.43 -16.87
C ASN B 465 10.44 10.33 -17.84
N ARG B 466 9.97 10.41 -19.08
CA ARG B 466 10.60 11.22 -20.10
C ARG B 466 10.96 12.66 -19.69
N LYS B 467 10.28 13.23 -18.69
CA LYS B 467 10.51 14.65 -18.28
C LYS B 467 11.73 14.84 -17.39
N GLN B 468 12.20 13.72 -16.84
CA GLN B 468 13.40 13.70 -16.02
C GLN B 468 14.60 13.30 -16.88
PB ADP C . 18.88 -7.34 3.91
O1B ADP C . 19.09 -6.40 5.09
O2B ADP C . 17.79 -8.37 4.16
O3B ADP C . 18.77 -6.62 2.60
PA ADP C . 20.71 -9.40 4.73
O1A ADP C . 19.53 -10.15 5.29
O2A ADP C . 21.74 -8.84 5.67
O3A ADP C . 20.21 -8.24 3.71
O5' ADP C . 21.49 -10.36 3.72
C5' ADP C . 20.83 -10.88 2.58
C4' ADP C . 21.11 -12.37 2.60
O4' ADP C . 22.50 -12.64 2.42
C3' ADP C . 20.79 -13.02 3.93
O3' ADP C . 19.41 -13.36 4.08
C2' ADP C . 21.65 -14.25 3.91
O2' ADP C . 21.00 -15.27 3.15
C1' ADP C . 22.89 -13.75 3.21
N9 ADP C . 23.76 -13.32 4.32
C8 ADP C . 23.57 -12.20 5.05
N7 ADP C . 24.51 -12.10 6.02
C5 ADP C . 25.33 -13.17 5.92
C6 ADP C . 26.54 -13.68 6.65
N6 ADP C . 27.07 -12.99 7.69
N1 ADP C . 27.09 -14.85 6.24
C2 ADP C . 26.56 -15.54 5.21
N3 ADP C . 25.48 -15.14 4.50
C4 ADP C . 24.82 -13.99 4.81
MG MG D . 16.93 -10.21 5.44
PB ADP E . -21.75 11.95 -15.43
O1B ADP E . -22.11 10.53 -15.05
O2B ADP E . -20.40 12.41 -14.93
O3B ADP E . -22.04 12.20 -16.88
PA ADP E . -23.17 13.02 -13.15
O1A ADP E . -22.12 12.31 -12.34
O2A ADP E . -24.63 12.68 -12.96
O3A ADP E . -22.82 12.95 -14.73
O5' ADP E . -22.98 14.55 -12.72
C5' ADP E . -23.48 15.64 -13.46
C4' ADP E . -23.34 16.84 -12.53
O4' ADP E . -24.62 17.19 -12.03
C3' ADP E . -22.46 16.56 -11.31
O3' ADP E . -21.10 16.97 -11.48
C2' ADP E . -23.12 17.33 -10.20
O2' ADP E . -22.57 18.65 -10.13
C1' ADP E . -24.56 17.51 -10.64
N9 ADP E . -25.35 16.51 -9.90
C8 ADP E . -25.48 15.22 -10.27
N7 ADP E . -26.27 14.54 -9.39
C5 ADP E . -26.66 15.42 -8.45
C6 ADP E . -27.50 15.35 -7.24
N6 ADP E . -28.09 14.18 -6.88
N1 ADP E . -27.66 16.49 -6.54
C2 ADP E . -27.08 17.64 -6.90
N3 ADP E . -26.30 17.77 -7.98
C4 ADP E . -26.05 16.71 -8.79
MG MG F . -19.21 13.64 -12.70
#